data_7PE5
#
_entry.id   7PE5
#
_cell.length_a   74.082
_cell.length_b   74.082
_cell.length_c   348.971
_cell.angle_alpha   90.000
_cell.angle_beta   90.000
_cell.angle_gamma   120.000
#
_symmetry.space_group_name_H-M   'P 65'
#
loop_
_entity.id
_entity.type
_entity.pdbx_description
1 polymer 'Acetylcholine-binding protein'
2 non-polymer 4-oxidanylidene-1-(pyrimidin-5-ylmethyl)-3-[3-(trifluoromethyl)phenyl]pyrido[1,2-a]pyrimidin-1-ium-2-olate
3 water water
#
_entity_poly.entity_id   1
_entity_poly.type   'polypeptide(L)'
_entity_poly.pdbx_seq_one_letter_code
;ADRADILYNIRQTSRPDVIPTQRDRPVAVSVSLKFINILEVNEITNEVDVVFWQRTTWSDRTLAWDSSHSPDQVSVPISS
LWVPDLAAYNAISKPEVLTPQLARVVSDGEVLYVPSIRQRFSCDVSGVDTESGATCRIKIGSWTHHSREISVDPTTENSD
DSEYFSQYSRFEILDVTQKKNSVTYSCCPEAYEDVEVSLNFRKKGRSEIL
;
_entity_poly.pdbx_strand_id   AaA,BaB,CaC,DaD,EaE
#
# COMPACT_ATOMS: atom_id res chain seq x y z
N ASP A 2 -15.19 -19.64 27.27
CA ASP A 2 -15.58 -18.26 26.84
C ASP A 2 -14.94 -17.94 25.48
N ARG A 3 -15.20 -16.74 24.97
CA ARG A 3 -14.74 -16.34 23.62
C ARG A 3 -13.22 -16.43 23.54
N ALA A 4 -12.50 -15.93 24.54
CA ALA A 4 -11.01 -15.91 24.56
C ALA A 4 -10.44 -17.34 24.38
N ASP A 5 -11.03 -18.33 25.09
CA ASP A 5 -10.67 -19.77 24.98
C ASP A 5 -10.96 -20.30 23.58
N ILE A 6 -12.13 -20.03 23.01
CA ILE A 6 -12.46 -20.49 21.64
C ILE A 6 -11.40 -19.93 20.68
N LEU A 7 -11.07 -18.64 20.78
CA LEU A 7 -10.16 -17.98 19.81
C LEU A 7 -8.73 -18.50 20.04
N TYR A 8 -8.32 -18.66 21.30
CA TYR A 8 -7.01 -19.26 21.64
C TYR A 8 -6.87 -20.65 21.00
N ASN A 9 -7.91 -21.47 21.14
CA ASN A 9 -7.89 -22.84 20.60
C ASN A 9 -7.87 -22.82 19.08
N ILE A 10 -8.72 -22.00 18.42
CA ILE A 10 -8.70 -21.86 16.94
C ILE A 10 -7.28 -21.48 16.53
N ARG A 11 -6.68 -20.49 17.17
CA ARG A 11 -5.36 -20.00 16.77
C ARG A 11 -4.33 -21.13 16.90
N GLN A 12 -4.42 -22.00 17.91
CA GLN A 12 -3.49 -23.15 18.04
C GLN A 12 -3.76 -24.25 17.01
N THR A 13 -5.00 -24.52 16.59
CA THR A 13 -5.31 -25.71 15.73
C THR A 13 -5.49 -25.32 14.25
N SER A 14 -6.01 -24.13 13.94
CA SER A 14 -6.22 -23.64 12.55
C SER A 14 -4.88 -23.59 11.84
N ARG A 15 -4.83 -24.12 10.64
CA ARG A 15 -3.65 -24.06 9.76
C ARG A 15 -4.07 -23.22 8.55
N PRO A 16 -3.80 -21.89 8.60
CA PRO A 16 -4.25 -21.02 7.53
C PRO A 16 -3.78 -21.49 6.15
N ASP A 17 -2.68 -22.21 6.09
CA ASP A 17 -1.98 -22.58 4.84
C ASP A 17 -2.47 -23.94 4.35
N VAL A 18 -3.40 -24.62 5.06
CA VAL A 18 -3.74 -26.04 4.79
C VAL A 18 -5.22 -26.12 4.41
N ILE A 19 -5.49 -26.55 3.18
CA ILE A 19 -6.90 -26.68 2.74
C ILE A 19 -7.51 -27.74 3.65
N PRO A 20 -8.68 -27.52 4.29
CA PRO A 20 -9.23 -28.50 5.21
C PRO A 20 -9.98 -29.66 4.56
N THR A 21 -9.36 -30.39 3.63
CA THR A 21 -10.03 -31.54 2.95
C THR A 21 -10.22 -32.65 4.00
N GLN A 22 -11.46 -33.13 4.08
CA GLN A 22 -11.92 -34.22 4.97
C GLN A 22 -11.94 -35.45 4.08
N ARG A 23 -11.13 -36.47 4.46
CA ARG A 23 -10.89 -37.69 3.65
C ARG A 23 -10.40 -37.18 2.28
N ASP A 24 -10.78 -37.84 1.19
CA ASP A 24 -10.39 -37.38 -0.17
C ASP A 24 -11.45 -36.46 -0.76
N ARG A 25 -12.31 -35.82 0.05
CA ARG A 25 -13.43 -35.00 -0.49
C ARG A 25 -12.92 -33.58 -0.69
N PRO A 26 -13.33 -32.92 -1.81
CA PRO A 26 -13.07 -31.49 -1.98
C PRO A 26 -13.77 -30.72 -0.86
N VAL A 27 -13.25 -29.53 -0.53
CA VAL A 27 -13.96 -28.54 0.32
C VAL A 27 -15.04 -27.88 -0.53
N ALA A 28 -16.28 -27.92 -0.04
CA ALA A 28 -17.46 -27.36 -0.73
C ALA A 28 -17.51 -25.89 -0.39
N VAL A 29 -17.12 -25.03 -1.32
CA VAL A 29 -17.17 -23.56 -1.11
C VAL A 29 -18.43 -23.05 -1.79
N SER A 30 -19.28 -22.43 -1.00
CA SER A 30 -20.52 -21.79 -1.46
C SER A 30 -20.21 -20.27 -1.65
N VAL A 31 -20.49 -19.74 -2.84
CA VAL A 31 -20.16 -18.36 -3.32
C VAL A 31 -21.37 -17.76 -4.01
N SER A 32 -21.88 -16.65 -3.46
CA SER A 32 -23.00 -15.81 -3.98
C SER A 32 -22.53 -14.37 -4.02
N LEU A 33 -22.77 -13.66 -5.13
CA LEU A 33 -22.60 -12.18 -5.11
C LEU A 33 -23.96 -11.54 -4.85
N LYS A 34 -24.03 -10.56 -3.96
CA LYS A 34 -25.15 -9.61 -3.80
C LYS A 34 -24.62 -8.26 -4.30
N PHE A 35 -25.12 -7.78 -5.42
CA PHE A 35 -24.68 -6.50 -6.02
C PHE A 35 -25.22 -5.31 -5.21
N ILE A 36 -24.32 -4.39 -4.86
CA ILE A 36 -24.69 -3.23 -4.01
C ILE A 36 -24.66 -1.97 -4.87
N ASN A 37 -23.75 -1.87 -5.81
CA ASN A 37 -23.64 -0.61 -6.57
C ASN A 37 -22.88 -0.86 -7.87
N ILE A 38 -23.23 -0.09 -8.90
CA ILE A 38 -22.46 -0.09 -10.17
C ILE A 38 -22.01 1.35 -10.33
N LEU A 39 -20.72 1.58 -10.38
CA LEU A 39 -20.12 2.90 -10.10
C LEU A 39 -19.74 3.55 -11.42
N GLU A 40 -19.13 2.80 -12.31
CA GLU A 40 -18.54 3.33 -13.56
C GLU A 40 -18.67 2.23 -14.61
N VAL A 41 -19.17 2.63 -15.76
CA VAL A 41 -19.42 1.74 -16.92
C VAL A 41 -18.84 2.43 -18.13
N ASN A 42 -18.08 1.72 -18.94
CA ASN A 42 -17.42 2.31 -20.13
C ASN A 42 -17.71 1.39 -21.30
N GLU A 43 -18.65 1.82 -22.16
CA GLU A 43 -19.19 1.01 -23.28
C GLU A 43 -18.12 0.94 -24.37
N ILE A 44 -17.22 1.92 -24.42
CA ILE A 44 -16.11 1.96 -25.42
C ILE A 44 -15.03 0.91 -25.02
N THR A 45 -14.56 0.94 -23.78
CA THR A 45 -13.50 0.03 -23.31
C THR A 45 -14.11 -1.29 -22.82
N ASN A 46 -15.43 -1.40 -22.64
CA ASN A 46 -16.03 -2.63 -22.08
C ASN A 46 -15.44 -2.94 -20.68
N GLU A 47 -15.57 -1.98 -19.75
CA GLU A 47 -15.09 -2.12 -18.37
C GLU A 47 -16.18 -1.61 -17.45
N VAL A 48 -16.34 -2.27 -16.32
CA VAL A 48 -17.35 -1.92 -15.28
C VAL A 48 -16.61 -1.93 -13.94
N ASP A 49 -16.98 -1.03 -13.06
CA ASP A 49 -16.52 -0.91 -11.66
C ASP A 49 -17.74 -1.25 -10.81
N VAL A 50 -17.69 -2.34 -10.04
CA VAL A 50 -18.86 -2.80 -9.24
C VAL A 50 -18.48 -2.97 -7.75
N VAL A 51 -19.47 -2.83 -6.89
CA VAL A 51 -19.38 -3.14 -5.44
C VAL A 51 -20.35 -4.28 -5.20
N PHE A 52 -19.86 -5.38 -4.63
CA PHE A 52 -20.68 -6.55 -4.26
C PHE A 52 -20.23 -7.14 -2.92
N TRP A 53 -21.20 -7.73 -2.23
CA TRP A 53 -20.98 -8.60 -1.06
C TRP A 53 -20.71 -10.00 -1.59
N GLN A 54 -19.54 -10.55 -1.30
CA GLN A 54 -19.23 -11.93 -1.74
C GLN A 54 -19.52 -12.86 -0.57
N ARG A 55 -20.74 -13.37 -0.47
CA ARG A 55 -21.12 -14.35 0.55
C ARG A 55 -20.36 -15.65 0.29
N THR A 56 -19.46 -16.01 1.20
CA THR A 56 -18.56 -17.18 1.05
C THR A 56 -18.70 -18.05 2.29
N THR A 57 -19.01 -19.33 2.12
CA THR A 57 -19.12 -20.29 3.26
C THR A 57 -18.46 -21.60 2.87
N TRP A 58 -17.87 -22.25 3.87
CA TRP A 58 -17.29 -23.59 3.75
C TRP A 58 -17.24 -24.18 5.18
N SER A 59 -16.91 -25.46 5.24
CA SER A 59 -16.80 -26.18 6.51
C SER A 59 -15.30 -26.50 6.76
N ASP A 60 -14.79 -26.13 7.92
CA ASP A 60 -13.46 -26.58 8.40
C ASP A 60 -13.69 -27.28 9.74
N ARG A 61 -13.83 -28.60 9.70
CA ARG A 61 -14.28 -29.39 10.87
C ARG A 61 -13.19 -29.42 11.95
N THR A 62 -11.93 -29.12 11.61
CA THR A 62 -10.82 -29.00 12.60
C THR A 62 -11.05 -27.82 13.57
N LEU A 63 -11.92 -26.86 13.26
CA LEU A 63 -12.18 -25.65 14.09
C LEU A 63 -13.32 -25.89 15.08
N ALA A 64 -14.03 -27.01 14.97
CA ALA A 64 -15.29 -27.24 15.71
C ALA A 64 -15.01 -27.31 17.22
N TRP A 65 -15.98 -26.92 18.04
CA TRP A 65 -15.90 -27.05 19.52
C TRP A 65 -17.29 -27.39 20.06
N ASP A 66 -17.31 -27.85 21.31
CA ASP A 66 -18.54 -28.16 22.07
C ASP A 66 -19.11 -26.84 22.57
N SER A 67 -20.30 -26.43 22.13
CA SER A 67 -20.89 -25.12 22.49
C SER A 67 -22.15 -25.29 23.33
N SER A 68 -22.40 -26.47 23.91
CA SER A 68 -23.60 -26.71 24.77
C SER A 68 -23.61 -25.73 25.94
N HIS A 69 -22.42 -25.34 26.44
CA HIS A 69 -22.23 -24.36 27.55
C HIS A 69 -21.19 -23.28 27.14
N SER A 70 -21.11 -22.91 25.86
CA SER A 70 -20.16 -21.90 25.31
C SER A 70 -20.86 -21.10 24.20
N PRO A 71 -20.31 -19.93 23.78
CA PRO A 71 -20.83 -19.26 22.58
C PRO A 71 -20.68 -20.21 21.39
N ASP A 72 -21.65 -20.25 20.49
CA ASP A 72 -21.59 -21.18 19.33
C ASP A 72 -21.04 -20.47 18.09
N GLN A 73 -20.68 -19.18 18.20
CA GLN A 73 -20.06 -18.39 17.10
C GLN A 73 -19.07 -17.37 17.62
N VAL A 74 -17.95 -17.23 16.93
CA VAL A 74 -16.99 -16.12 17.16
C VAL A 74 -16.64 -15.46 15.82
N SER A 75 -16.24 -14.20 15.89
CA SER A 75 -15.55 -13.46 14.82
C SER A 75 -14.05 -13.68 14.93
N VAL A 76 -13.42 -14.04 13.84
CA VAL A 76 -11.97 -14.37 13.76
C VAL A 76 -11.37 -13.64 12.58
N PRO A 77 -10.17 -13.03 12.73
CA PRO A 77 -9.47 -12.46 11.59
C PRO A 77 -9.23 -13.55 10.54
N ILE A 78 -9.42 -13.25 9.26
CA ILE A 78 -9.19 -14.27 8.19
C ILE A 78 -7.73 -14.70 8.18
N SER A 79 -6.81 -13.87 8.63
CA SER A 79 -5.37 -14.26 8.68
C SER A 79 -5.19 -15.47 9.62
N SER A 80 -6.11 -15.76 10.53
CA SER A 80 -6.05 -16.92 11.46
C SER A 80 -6.72 -18.18 10.89
N LEU A 81 -7.33 -18.13 9.72
CA LEU A 81 -8.15 -19.23 9.15
C LEU A 81 -7.62 -19.57 7.76
N TRP A 82 -7.88 -20.76 7.28
CA TRP A 82 -7.71 -21.03 5.84
C TRP A 82 -8.88 -20.36 5.12
N VAL A 83 -8.61 -19.74 3.98
CA VAL A 83 -9.66 -19.09 3.16
C VAL A 83 -9.43 -19.59 1.75
N PRO A 84 -10.48 -19.88 0.99
CA PRO A 84 -10.33 -20.23 -0.41
C PRO A 84 -9.65 -19.11 -1.20
N ASP A 85 -8.74 -19.47 -2.10
CA ASP A 85 -7.99 -18.57 -3.03
C ASP A 85 -8.88 -18.24 -4.24
N LEU A 86 -10.08 -17.72 -3.99
CA LEU A 86 -11.05 -17.35 -5.05
C LEU A 86 -10.50 -16.15 -5.83
N ALA A 87 -10.67 -16.13 -7.15
CA ALA A 87 -10.26 -15.01 -8.02
C ALA A 87 -11.28 -14.88 -9.14
N ALA A 88 -11.50 -13.67 -9.58
CA ALA A 88 -12.36 -13.41 -10.74
C ALA A 88 -11.46 -13.45 -11.97
N TYR A 89 -11.71 -14.37 -12.90
CA TYR A 89 -10.87 -14.60 -14.11
C TYR A 89 -10.87 -13.36 -15.02
N ASN A 90 -11.92 -12.55 -15.02
CA ASN A 90 -11.96 -11.42 -15.95
C ASN A 90 -11.80 -10.10 -15.19
N ALA A 91 -11.29 -10.14 -13.95
CA ALA A 91 -10.96 -8.94 -13.18
C ALA A 91 -9.84 -8.21 -13.91
N ILE A 92 -9.86 -6.87 -13.88
CA ILE A 92 -8.68 -6.09 -14.39
C ILE A 92 -8.14 -5.18 -13.30
N SER A 93 -8.68 -5.27 -12.08
CA SER A 93 -8.07 -4.66 -10.87
C SER A 93 -8.04 -5.71 -9.74
N LYS A 94 -7.18 -5.49 -8.74
CA LYS A 94 -7.17 -6.30 -7.48
C LYS A 94 -8.51 -6.11 -6.80
N PRO A 95 -9.09 -7.12 -6.16
CA PRO A 95 -10.29 -6.90 -5.35
C PRO A 95 -9.97 -5.93 -4.20
N GLU A 96 -10.73 -4.87 -4.05
CA GLU A 96 -10.53 -3.92 -2.93
C GLU A 96 -11.57 -4.27 -1.88
N VAL A 97 -11.13 -4.86 -0.78
CA VAL A 97 -12.04 -5.24 0.34
C VAL A 97 -12.33 -3.99 1.15
N LEU A 98 -13.57 -3.61 1.24
CA LEU A 98 -14.01 -2.34 1.87
C LEU A 98 -14.28 -2.55 3.35
N THR A 99 -14.45 -3.78 3.82
CA THR A 99 -14.99 -4.09 5.18
C THR A 99 -13.95 -4.80 6.03
N PRO A 100 -14.14 -4.88 7.36
CA PRO A 100 -13.17 -5.57 8.20
C PRO A 100 -13.02 -7.04 7.79
N GLN A 101 -11.79 -7.51 7.75
CA GLN A 101 -11.41 -8.85 7.24
C GLN A 101 -11.56 -9.91 8.33
N LEU A 102 -12.81 -10.14 8.73
CA LEU A 102 -13.24 -11.05 9.81
C LEU A 102 -14.16 -12.08 9.18
N ALA A 103 -14.01 -13.33 9.60
CA ALA A 103 -14.98 -14.41 9.32
C ALA A 103 -15.74 -14.72 10.60
N ARG A 104 -16.94 -15.26 10.46
CA ARG A 104 -17.68 -15.89 11.57
C ARG A 104 -17.39 -17.40 11.56
N VAL A 105 -16.99 -17.96 12.69
CA VAL A 105 -16.79 -19.43 12.81
C VAL A 105 -17.85 -19.93 13.77
N VAL A 106 -18.62 -20.90 13.29
CA VAL A 106 -19.71 -21.58 14.06
C VAL A 106 -19.10 -22.83 14.71
N SER A 107 -19.63 -23.25 15.86
CA SER A 107 -19.05 -24.35 16.68
C SER A 107 -19.01 -25.70 15.93
N ASP A 108 -19.83 -25.88 14.89
CA ASP A 108 -19.80 -27.08 14.01
C ASP A 108 -18.67 -26.97 12.97
N GLY A 109 -17.92 -25.87 12.95
CA GLY A 109 -16.81 -25.67 11.99
C GLY A 109 -17.24 -24.96 10.71
N GLU A 110 -18.45 -24.43 10.62
CA GLU A 110 -18.84 -23.66 9.43
C GLU A 110 -18.21 -22.26 9.53
N VAL A 111 -17.64 -21.79 8.43
CA VAL A 111 -16.99 -20.45 8.32
C VAL A 111 -17.82 -19.60 7.34
N LEU A 112 -18.18 -18.38 7.73
CA LEU A 112 -18.87 -17.40 6.85
C LEU A 112 -17.94 -16.18 6.69
N TYR A 113 -17.57 -15.85 5.46
CA TYR A 113 -16.78 -14.65 5.09
C TYR A 113 -17.62 -13.83 4.11
N VAL A 114 -17.87 -12.56 4.42
CA VAL A 114 -18.70 -11.65 3.57
C VAL A 114 -17.98 -10.34 3.34
N PRO A 115 -16.91 -10.33 2.54
CA PRO A 115 -16.24 -9.07 2.21
C PRO A 115 -17.13 -8.28 1.23
N SER A 116 -17.20 -6.97 1.44
CA SER A 116 -17.71 -6.00 0.45
C SER A 116 -16.53 -5.67 -0.45
N ILE A 117 -16.62 -6.02 -1.73
CA ILE A 117 -15.53 -5.87 -2.71
C ILE A 117 -15.92 -4.84 -3.79
N ARG A 118 -14.99 -3.95 -4.06
CA ARG A 118 -15.04 -3.05 -5.22
C ARG A 118 -13.96 -3.53 -6.17
N GLN A 119 -14.34 -3.77 -7.42
CA GLN A 119 -13.42 -4.36 -8.42
C GLN A 119 -13.90 -4.00 -9.83
N ARG A 120 -12.94 -3.89 -10.75
CA ARG A 120 -13.17 -3.57 -12.17
C ARG A 120 -13.07 -4.86 -12.98
N PHE A 121 -13.99 -5.03 -13.93
CA PHE A 121 -14.08 -6.22 -14.80
C PHE A 121 -14.04 -5.80 -16.26
N SER A 122 -13.44 -6.67 -17.07
CA SER A 122 -13.54 -6.63 -18.55
C SER A 122 -14.70 -7.55 -18.91
N CYS A 123 -15.77 -6.97 -19.45
CA CYS A 123 -16.99 -7.76 -19.76
C CYS A 123 -17.87 -6.98 -20.74
N ASP A 124 -18.93 -7.65 -21.22
CA ASP A 124 -19.78 -7.10 -22.30
C ASP A 124 -20.65 -5.97 -21.74
N VAL A 125 -20.30 -4.73 -22.08
CA VAL A 125 -21.06 -3.55 -21.63
C VAL A 125 -21.96 -3.06 -22.79
N SER A 126 -21.91 -3.70 -23.97
CA SER A 126 -22.76 -3.25 -25.10
C SER A 126 -24.23 -3.47 -24.69
N GLY A 127 -25.07 -2.48 -24.94
CA GLY A 127 -26.49 -2.59 -24.60
C GLY A 127 -26.85 -1.93 -23.29
N VAL A 128 -25.90 -1.37 -22.55
CA VAL A 128 -26.22 -0.79 -21.19
C VAL A 128 -27.25 0.35 -21.36
N ASP A 129 -27.11 1.11 -22.46
CA ASP A 129 -28.05 2.21 -22.80
C ASP A 129 -29.09 1.71 -23.83
N THR A 130 -29.66 0.55 -23.55
CA THR A 130 -30.86 -0.03 -24.24
C THR A 130 -31.77 -0.65 -23.19
N GLU A 131 -32.97 -1.05 -23.63
CA GLU A 131 -34.08 -1.54 -22.79
C GLU A 131 -33.71 -2.91 -22.21
N SER A 132 -33.01 -3.73 -22.96
CA SER A 132 -32.72 -5.13 -22.58
C SER A 132 -31.42 -5.15 -21.77
N GLY A 133 -30.63 -4.08 -21.86
CA GLY A 133 -29.49 -3.78 -20.98
C GLY A 133 -28.23 -4.51 -21.43
N ALA A 134 -27.14 -4.39 -20.66
CA ALA A 134 -25.90 -5.17 -20.86
C ALA A 134 -26.02 -6.41 -19.96
N THR A 135 -25.29 -7.45 -20.36
CA THR A 135 -25.05 -8.64 -19.53
C THR A 135 -23.53 -8.74 -19.35
N CYS A 136 -23.09 -8.46 -18.13
CA CYS A 136 -21.67 -8.56 -17.72
C CYS A 136 -21.52 -9.91 -16.98
N ARG A 137 -20.67 -10.80 -17.48
CA ARG A 137 -20.40 -12.13 -16.87
C ARG A 137 -19.12 -12.04 -16.02
N ILE A 138 -19.21 -12.38 -14.75
CA ILE A 138 -18.05 -12.41 -13.82
C ILE A 138 -17.78 -13.88 -13.43
N LYS A 139 -16.62 -14.42 -13.82
CA LYS A 139 -16.24 -15.82 -13.53
C LYS A 139 -15.38 -15.87 -12.25
N ILE A 140 -15.84 -16.47 -11.16
CA ILE A 140 -15.06 -16.59 -9.90
C ILE A 140 -14.82 -18.06 -9.57
N GLY A 141 -13.57 -18.46 -9.42
CA GLY A 141 -13.21 -19.80 -8.93
C GLY A 141 -11.90 -19.78 -8.16
N SER A 142 -11.49 -20.93 -7.63
CA SER A 142 -10.15 -21.10 -7.05
C SER A 142 -9.11 -20.90 -8.16
N TRP A 143 -8.07 -20.15 -7.87
CA TRP A 143 -6.94 -19.94 -8.81
C TRP A 143 -6.06 -21.19 -8.85
N THR A 144 -5.81 -21.87 -7.71
CA THR A 144 -4.76 -22.93 -7.67
C THR A 144 -5.33 -24.31 -7.29
N HIS A 145 -6.57 -24.42 -6.80
CA HIS A 145 -7.16 -25.70 -6.32
C HIS A 145 -8.17 -26.24 -7.34
N HIS A 146 -7.89 -27.39 -7.95
CA HIS A 146 -8.77 -28.05 -8.94
C HIS A 146 -9.95 -28.69 -8.23
N SER A 147 -10.88 -29.29 -9.00
CA SER A 147 -12.22 -29.76 -8.55
C SER A 147 -12.12 -30.86 -7.48
N ARG A 148 -11.01 -31.59 -7.40
CA ARG A 148 -10.85 -32.66 -6.37
C ARG A 148 -10.48 -32.02 -5.04
N GLU A 149 -10.09 -30.73 -5.02
CA GLU A 149 -9.71 -30.01 -3.77
C GLU A 149 -10.74 -28.93 -3.41
N ILE A 150 -11.25 -28.18 -4.38
CA ILE A 150 -12.32 -27.21 -4.07
C ILE A 150 -13.41 -27.42 -5.10
N SER A 151 -14.63 -27.48 -4.62
CA SER A 151 -15.83 -27.44 -5.45
C SER A 151 -16.54 -26.13 -5.10
N VAL A 152 -17.09 -25.48 -6.12
CA VAL A 152 -17.76 -24.17 -6.00
C VAL A 152 -19.24 -24.38 -6.28
N ASP A 153 -20.06 -23.88 -5.37
CA ASP A 153 -21.53 -24.08 -5.33
C ASP A 153 -22.21 -22.70 -5.29
N PRO A 154 -23.05 -22.29 -6.26
CA PRO A 154 -23.84 -21.06 -6.08
C PRO A 154 -25.09 -21.29 -5.21
N THR A 155 -25.65 -20.26 -4.56
CA THR A 155 -26.91 -20.36 -3.75
C THR A 155 -27.96 -19.40 -4.32
N ASP A 161 -33.08 -10.11 -5.54
CA ASP A 161 -32.08 -10.04 -6.64
C ASP A 161 -31.34 -8.69 -6.54
N SER A 162 -32.06 -7.60 -6.28
CA SER A 162 -31.51 -6.25 -5.98
C SER A 162 -32.00 -5.80 -4.59
N GLU A 163 -32.25 -6.75 -3.70
CA GLU A 163 -32.70 -6.47 -2.31
C GLU A 163 -31.75 -5.47 -1.62
N TYR A 164 -30.45 -5.49 -1.94
CA TYR A 164 -29.43 -4.65 -1.27
C TYR A 164 -28.79 -3.65 -2.23
N PHE A 165 -29.24 -3.63 -3.48
CA PHE A 165 -28.71 -2.74 -4.53
C PHE A 165 -29.10 -1.30 -4.21
N SER A 166 -28.16 -0.37 -4.25
CA SER A 166 -28.40 1.06 -3.91
C SER A 166 -29.54 1.61 -4.79
N GLN A 167 -30.55 2.21 -4.17
CA GLN A 167 -31.64 2.89 -4.92
C GLN A 167 -31.08 4.14 -5.62
N TYR A 168 -29.86 4.59 -5.28
CA TYR A 168 -29.29 5.87 -5.76
C TYR A 168 -28.32 5.69 -6.92
N SER A 169 -27.99 4.45 -7.29
CA SER A 169 -27.26 4.14 -8.54
C SER A 169 -28.02 4.75 -9.74
N ARG A 170 -27.31 5.21 -10.77
CA ARG A 170 -27.83 5.56 -12.10
C ARG A 170 -28.31 4.29 -12.80
N PHE A 171 -27.95 3.10 -12.32
CA PHE A 171 -28.29 1.84 -13.00
C PHE A 171 -29.34 1.12 -12.16
N GLU A 172 -30.02 0.18 -12.80
CA GLU A 172 -30.96 -0.74 -12.12
C GLU A 172 -30.68 -2.15 -12.62
N ILE A 173 -30.96 -3.13 -11.76
CA ILE A 173 -30.62 -4.55 -12.09
C ILE A 173 -31.89 -5.17 -12.65
N LEU A 174 -31.78 -5.81 -13.81
CA LEU A 174 -32.92 -6.50 -14.48
C LEU A 174 -32.92 -7.95 -14.03
N ASP A 175 -31.72 -8.55 -13.87
CA ASP A 175 -31.59 -9.99 -13.55
C ASP A 175 -30.15 -10.30 -13.12
N VAL A 176 -30.00 -11.20 -12.15
CA VAL A 176 -28.68 -11.83 -11.81
C VAL A 176 -28.88 -13.35 -11.89
N THR A 177 -28.12 -14.01 -12.76
CA THR A 177 -28.04 -15.47 -12.94
C THR A 177 -26.73 -15.99 -12.35
N GLN A 178 -26.72 -17.04 -11.52
CA GLN A 178 -25.46 -17.62 -10.97
C GLN A 178 -25.44 -19.11 -11.39
N LYS A 179 -24.57 -19.47 -12.32
CA LYS A 179 -24.49 -20.80 -12.98
C LYS A 179 -23.13 -21.44 -12.66
N LYS A 180 -23.13 -22.65 -12.14
CA LYS A 180 -21.91 -23.47 -11.98
C LYS A 180 -21.26 -23.73 -13.34
N ASN A 181 -19.93 -23.83 -13.40
CA ASN A 181 -19.18 -24.10 -14.65
C ASN A 181 -17.78 -24.58 -14.25
N SER A 182 -16.92 -24.92 -15.21
CA SER A 182 -15.52 -25.31 -14.94
C SER A 182 -14.59 -24.92 -16.11
N VAL A 183 -13.32 -24.74 -15.82
CA VAL A 183 -12.23 -24.43 -16.79
C VAL A 183 -11.23 -25.59 -16.71
N THR A 184 -10.57 -25.88 -17.83
CA THR A 184 -9.47 -26.87 -17.94
C THR A 184 -8.41 -26.27 -18.90
N TYR A 185 -7.14 -26.46 -18.60
CA TYR A 185 -5.99 -25.95 -19.39
C TYR A 185 -5.37 -27.20 -20.03
N SER A 186 -5.16 -27.20 -21.36
CA SER A 186 -4.87 -28.42 -22.16
C SER A 186 -3.69 -29.18 -21.53
N CYS A 187 -2.65 -28.48 -21.00
CA CYS A 187 -1.45 -29.06 -20.34
C CYS A 187 -1.82 -30.27 -19.46
N CYS A 188 -2.87 -30.13 -18.64
CA CYS A 188 -3.10 -30.96 -17.42
C CYS A 188 -4.55 -31.44 -17.41
N PRO A 189 -4.84 -32.59 -16.78
CA PRO A 189 -6.22 -33.12 -16.71
C PRO A 189 -7.11 -32.38 -15.71
N GLU A 190 -6.51 -31.55 -14.84
CA GLU A 190 -7.15 -30.84 -13.71
C GLU A 190 -8.27 -29.93 -14.25
N ALA A 191 -9.45 -29.99 -13.63
CA ALA A 191 -10.58 -29.06 -13.87
C ALA A 191 -10.77 -28.14 -12.66
N TYR A 192 -10.89 -26.84 -12.89
CA TYR A 192 -11.13 -25.80 -11.86
C TYR A 192 -12.58 -25.38 -11.96
N GLU A 193 -13.33 -25.51 -10.86
CA GLU A 193 -14.76 -25.13 -10.81
C GLU A 193 -14.85 -23.61 -10.64
N ASP A 194 -15.86 -23.00 -11.26
CA ASP A 194 -16.13 -21.56 -11.08
C ASP A 194 -17.64 -21.37 -10.99
N VAL A 195 -18.05 -20.21 -10.46
CA VAL A 195 -19.41 -19.65 -10.66
C VAL A 195 -19.29 -18.54 -11.72
N GLU A 196 -20.11 -18.65 -12.76
CA GLU A 196 -20.39 -17.57 -13.74
C GLU A 196 -21.56 -16.74 -13.21
N VAL A 197 -21.34 -15.49 -12.85
CA VAL A 197 -22.42 -14.57 -12.41
C VAL A 197 -22.71 -13.62 -13.57
N SER A 198 -23.96 -13.59 -13.99
CA SER A 198 -24.48 -12.79 -15.13
C SER A 198 -25.27 -11.63 -14.54
N LEU A 199 -24.71 -10.45 -14.61
CA LEU A 199 -25.36 -9.21 -14.15
C LEU A 199 -25.99 -8.53 -15.38
N ASN A 200 -27.30 -8.63 -15.50
CA ASN A 200 -28.08 -7.95 -16.58
C ASN A 200 -28.56 -6.62 -15.99
N PHE A 201 -28.05 -5.49 -16.48
CA PHE A 201 -28.40 -4.17 -15.91
C PHE A 201 -28.54 -3.12 -17.02
N ARG A 202 -29.11 -1.96 -16.73
CA ARG A 202 -29.17 -0.87 -17.74
C ARG A 202 -29.24 0.49 -17.05
N LYS A 203 -28.93 1.55 -17.80
CA LYS A 203 -29.14 2.95 -17.33
C LYS A 203 -30.64 3.14 -17.05
N LYS A 204 -30.95 3.74 -15.90
CA LYS A 204 -32.30 4.14 -15.47
C LYS A 204 -32.78 5.38 -16.25
N GLY A 205 -34.10 5.46 -16.48
CA GLY A 205 -34.76 6.68 -16.94
C GLY A 205 -34.50 6.93 -18.42
N ARG A 206 -34.32 5.88 -19.24
CA ARG A 206 -34.34 5.98 -20.73
C ARG A 206 -35.76 6.32 -21.23
N SER A 207 -35.90 6.87 -22.46
CA SER A 207 -37.18 7.30 -23.17
C SER A 207 -38.18 6.13 -23.37
N ALA B 1 1.89 -39.40 5.06
CA ALA B 1 1.90 -37.91 4.97
C ALA B 1 0.58 -37.41 4.37
N ASP B 2 -0.14 -36.54 5.10
CA ASP B 2 -1.31 -35.75 4.60
C ASP B 2 -0.83 -34.35 4.16
N ARG B 3 -1.76 -33.51 3.70
CA ARG B 3 -1.47 -32.17 3.17
C ARG B 3 -0.71 -31.36 4.23
N ALA B 4 -1.19 -31.36 5.47
CA ALA B 4 -0.63 -30.56 6.58
C ALA B 4 0.85 -30.89 6.77
N ASP B 5 1.20 -32.19 6.76
CA ASP B 5 2.61 -32.69 6.84
C ASP B 5 3.45 -32.21 5.66
N ILE B 6 2.96 -32.35 4.42
CA ILE B 6 3.73 -31.88 3.24
C ILE B 6 3.99 -30.36 3.40
N LEU B 7 2.99 -29.57 3.81
CA LEU B 7 3.12 -28.11 3.87
C LEU B 7 4.02 -27.75 5.03
N TYR B 8 3.88 -28.42 6.16
CA TYR B 8 4.82 -28.24 7.32
C TYR B 8 6.27 -28.50 6.89
N ASN B 9 6.50 -29.58 6.15
CA ASN B 9 7.86 -29.91 5.62
C ASN B 9 8.37 -28.84 4.64
N ILE B 10 7.55 -28.42 3.68
CA ILE B 10 7.94 -27.34 2.72
C ILE B 10 8.33 -26.09 3.53
N ARG B 11 7.50 -25.73 4.50
CA ARG B 11 7.74 -24.51 5.31
C ARG B 11 9.07 -24.67 6.06
N GLN B 12 9.43 -25.86 6.56
CA GLN B 12 10.72 -26.10 7.26
C GLN B 12 11.91 -26.09 6.28
N THR B 13 11.77 -26.55 5.04
CA THR B 13 12.90 -26.81 4.09
C THR B 13 13.10 -25.63 3.11
N SER B 14 12.06 -24.86 2.79
CA SER B 14 12.15 -23.82 1.74
C SER B 14 13.16 -22.74 2.12
N ARG B 15 14.03 -22.32 1.21
CA ARG B 15 14.94 -21.16 1.43
C ARG B 15 14.57 -20.04 0.46
N PRO B 16 13.61 -19.15 0.80
CA PRO B 16 13.12 -18.17 -0.13
C PRO B 16 14.24 -17.32 -0.74
N ASP B 17 15.35 -17.12 -0.04
CA ASP B 17 16.40 -16.18 -0.44
C ASP B 17 17.53 -16.93 -1.14
N VAL B 18 17.42 -18.24 -1.36
CA VAL B 18 18.54 -19.07 -1.91
C VAL B 18 18.11 -19.67 -3.25
N ILE B 19 18.77 -19.32 -4.32
CA ILE B 19 18.43 -19.89 -5.65
C ILE B 19 18.67 -21.39 -5.56
N PRO B 20 17.73 -22.27 -5.97
CA PRO B 20 17.90 -23.72 -5.84
C PRO B 20 18.73 -24.37 -6.97
N THR B 21 19.98 -23.96 -7.14
CA THR B 21 20.85 -24.50 -8.24
C THR B 21 21.20 -25.94 -7.87
N GLN B 22 21.01 -26.85 -8.82
CA GLN B 22 21.29 -28.30 -8.72
C GLN B 22 22.67 -28.52 -9.37
N ARG B 23 23.63 -29.04 -8.61
CA ARG B 23 25.06 -29.14 -9.02
C ARG B 23 25.49 -27.70 -9.34
N ASP B 24 26.35 -27.47 -10.34
CA ASP B 24 26.67 -26.06 -10.71
C ASP B 24 25.81 -25.62 -11.89
N ARG B 25 24.62 -26.21 -12.08
CA ARG B 25 23.74 -25.87 -13.22
C ARG B 25 22.88 -24.65 -12.88
N PRO B 26 22.61 -23.77 -13.87
CA PRO B 26 21.60 -22.72 -13.72
C PRO B 26 20.23 -23.35 -13.42
N VAL B 27 19.36 -22.62 -12.71
CA VAL B 27 17.92 -22.99 -12.57
C VAL B 27 17.23 -22.67 -13.89
N ALA B 28 16.56 -23.68 -14.45
CA ALA B 28 15.84 -23.58 -15.73
C ALA B 28 14.48 -22.99 -15.42
N VAL B 29 14.28 -21.73 -15.76
CA VAL B 29 12.97 -21.07 -15.54
C VAL B 29 12.26 -21.05 -16.90
N SER B 30 11.08 -21.62 -16.92
CA SER B 30 10.20 -21.59 -18.10
C SER B 30 9.16 -20.46 -17.88
N VAL B 31 9.05 -19.55 -18.87
CA VAL B 31 8.18 -18.32 -18.84
C VAL B 31 7.40 -18.20 -20.16
N SER B 32 6.06 -18.22 -20.08
CA SER B 32 5.09 -17.93 -21.16
C SER B 32 4.14 -16.84 -20.71
N LEU B 33 3.86 -15.85 -21.56
CA LEU B 33 2.72 -14.95 -21.31
C LEU B 33 1.51 -15.46 -22.10
N LYS B 34 0.34 -15.51 -21.44
CA LYS B 34 -0.98 -15.64 -22.09
C LYS B 34 -1.66 -14.28 -21.95
N PHE B 35 -1.86 -13.57 -23.05
CA PHE B 35 -2.51 -12.23 -23.04
C PHE B 35 -4.00 -12.38 -22.79
N ILE B 36 -4.51 -11.61 -21.82
CA ILE B 36 -5.93 -11.68 -21.41
C ILE B 36 -6.61 -10.40 -21.87
N ASN B 37 -5.94 -9.26 -21.83
CA ASN B 37 -6.64 -8.01 -22.15
C ASN B 37 -5.63 -6.93 -22.53
N ILE B 38 -6.08 -6.03 -23.41
CA ILE B 38 -5.31 -4.81 -23.75
C ILE B 38 -6.26 -3.67 -23.41
N LEU B 39 -5.88 -2.86 -22.43
CA LEU B 39 -6.79 -1.96 -21.71
C LEU B 39 -6.68 -0.55 -22.26
N GLU B 40 -5.46 -0.11 -22.52
CA GLU B 40 -5.15 1.29 -22.88
C GLU B 40 -3.94 1.22 -23.78
N VAL B 41 -4.02 1.93 -24.91
CA VAL B 41 -2.93 2.08 -25.89
C VAL B 41 -2.82 3.55 -26.19
N ASN B 42 -1.60 4.07 -26.29
CA ASN B 42 -1.36 5.50 -26.60
C ASN B 42 -0.32 5.53 -27.70
N GLU B 43 -0.78 5.85 -28.92
CA GLU B 43 0.05 5.83 -30.15
C GLU B 43 0.98 7.04 -30.13
N ILE B 44 0.61 8.09 -29.40
CA ILE B 44 1.45 9.32 -29.25
C ILE B 44 2.62 9.02 -28.30
N THR B 45 2.34 8.52 -27.10
CA THR B 45 3.37 8.26 -26.07
C THR B 45 4.00 6.88 -26.29
N ASN B 46 3.45 6.02 -27.14
CA ASN B 46 3.97 4.64 -27.28
C ASN B 46 3.94 3.88 -25.92
N GLU B 47 2.77 3.79 -25.31
CA GLU B 47 2.58 3.08 -24.03
C GLU B 47 1.33 2.21 -24.16
N VAL B 48 1.41 0.99 -23.62
CA VAL B 48 0.28 0.04 -23.57
C VAL B 48 0.11 -0.43 -22.12
N ASP B 49 -1.13 -0.69 -21.74
CA ASP B 49 -1.53 -1.25 -20.44
C ASP B 49 -2.09 -2.63 -20.80
N VAL B 50 -1.46 -3.70 -20.31
CA VAL B 50 -1.91 -5.09 -20.63
C VAL B 50 -2.12 -5.91 -19.36
N VAL B 51 -2.99 -6.90 -19.48
CA VAL B 51 -3.22 -7.99 -18.49
C VAL B 51 -2.75 -9.27 -19.16
N PHE B 52 -1.87 -9.99 -18.46
CA PHE B 52 -1.36 -11.30 -18.90
C PHE B 52 -1.19 -12.25 -17.71
N TRP B 53 -1.38 -13.53 -18.02
CA TRP B 53 -1.03 -14.66 -17.15
C TRP B 53 0.42 -14.99 -17.39
N GLN B 54 1.29 -14.85 -16.37
CA GLN B 54 2.71 -15.16 -16.56
C GLN B 54 2.96 -16.58 -16.06
N ARG B 55 2.82 -17.57 -16.94
CA ARG B 55 3.10 -18.98 -16.61
C ARG B 55 4.59 -19.13 -16.33
N THR B 56 4.92 -19.44 -15.08
CA THR B 56 6.32 -19.55 -14.60
C THR B 56 6.47 -20.91 -13.95
N THR B 57 7.47 -21.67 -14.35
CA THR B 57 7.80 -22.98 -13.73
C THR B 57 9.31 -23.10 -13.60
N TRP B 58 9.72 -23.79 -12.53
CA TRP B 58 11.11 -24.18 -12.26
C TRP B 58 11.09 -25.40 -11.33
N SER B 59 12.26 -25.96 -11.07
CA SER B 59 12.45 -27.10 -10.15
C SER B 59 13.17 -26.62 -8.89
N ASP B 60 12.64 -26.93 -7.72
CA ASP B 60 13.38 -26.87 -6.44
C ASP B 60 13.35 -28.27 -5.81
N ARG B 61 14.37 -29.06 -6.10
CA ARG B 61 14.39 -30.52 -5.81
C ARG B 61 14.39 -30.74 -4.30
N THR B 62 14.84 -29.77 -3.50
CA THR B 62 14.88 -29.87 -2.02
C THR B 62 13.47 -29.97 -1.42
N LEU B 63 12.41 -29.60 -2.17
CA LEU B 63 11.00 -29.58 -1.66
C LEU B 63 10.31 -30.93 -1.92
N ALA B 64 10.94 -31.82 -2.69
CA ALA B 64 10.31 -33.05 -3.20
C ALA B 64 9.90 -33.97 -2.04
N TRP B 65 8.86 -34.77 -2.25
CA TRP B 65 8.45 -35.80 -1.27
C TRP B 65 7.98 -37.05 -2.03
N ASP B 66 7.85 -38.15 -1.31
CA ASP B 66 7.34 -39.43 -1.83
C ASP B 66 5.81 -39.32 -1.84
N SER B 67 5.17 -39.41 -3.01
CA SER B 67 3.71 -39.20 -3.11
C SER B 67 2.99 -40.49 -3.55
N SER B 68 3.66 -41.65 -3.48
CA SER B 68 3.01 -42.96 -3.78
C SER B 68 1.78 -43.15 -2.89
N HIS B 69 1.80 -42.64 -1.64
CA HIS B 69 0.69 -42.72 -0.66
C HIS B 69 0.34 -41.32 -0.11
N SER B 70 0.51 -40.24 -0.89
CA SER B 70 0.28 -38.83 -0.46
C SER B 70 -0.25 -38.02 -1.64
N PRO B 71 -0.85 -36.83 -1.39
CA PRO B 71 -1.16 -35.89 -2.47
C PRO B 71 0.15 -35.56 -3.21
N ASP B 72 0.13 -35.46 -4.54
CA ASP B 72 1.36 -35.16 -5.31
C ASP B 72 1.47 -33.64 -5.58
N GLN B 73 0.52 -32.81 -5.12
CA GLN B 73 0.58 -31.33 -5.27
C GLN B 73 -0.07 -30.60 -4.10
N VAL B 74 0.52 -29.48 -3.68
CA VAL B 74 -0.12 -28.54 -2.71
C VAL B 74 0.00 -27.10 -3.24
N SER B 75 -0.87 -26.24 -2.73
CA SER B 75 -0.79 -24.76 -2.91
C SER B 75 0.01 -24.18 -1.76
N VAL B 76 1.04 -23.37 -2.05
CA VAL B 76 1.91 -22.73 -1.04
C VAL B 76 2.01 -21.24 -1.34
N PRO B 77 1.95 -20.36 -0.31
CA PRO B 77 2.14 -18.92 -0.55
C PRO B 77 3.54 -18.71 -1.13
N ILE B 78 3.69 -17.85 -2.15
CA ILE B 78 5.03 -17.62 -2.75
C ILE B 78 5.95 -16.99 -1.71
N SER B 79 5.44 -16.32 -0.69
CA SER B 79 6.33 -15.76 0.38
C SER B 79 7.09 -16.90 1.09
N SER B 80 6.64 -18.15 1.04
CA SER B 80 7.38 -19.31 1.61
C SER B 80 8.39 -19.94 0.64
N LEU B 81 8.48 -19.50 -0.63
CA LEU B 81 9.24 -20.20 -1.70
C LEU B 81 10.28 -19.26 -2.28
N TRP B 82 11.37 -19.80 -2.83
CA TRP B 82 12.23 -19.00 -3.73
C TRP B 82 11.47 -18.77 -5.02
N VAL B 83 11.52 -17.57 -5.56
CA VAL B 83 10.84 -17.23 -6.84
C VAL B 83 11.88 -16.51 -7.68
N PRO B 84 11.96 -16.80 -8.97
CA PRO B 84 12.85 -16.05 -9.85
C PRO B 84 12.54 -14.55 -9.81
N ASP B 85 13.59 -13.72 -9.81
CA ASP B 85 13.55 -12.24 -9.76
C ASP B 85 13.32 -11.70 -11.18
N LEU B 86 12.22 -12.11 -11.80
CA LEU B 86 11.92 -11.75 -13.22
C LEU B 86 11.48 -10.29 -13.25
N ALA B 87 11.91 -9.52 -14.25
CA ALA B 87 11.49 -8.12 -14.44
C ALA B 87 11.31 -7.89 -15.94
N ALA B 88 10.40 -7.03 -16.29
CA ALA B 88 10.24 -6.61 -17.70
C ALA B 88 11.12 -5.38 -17.88
N TYR B 89 12.13 -5.43 -18.75
CA TYR B 89 13.11 -4.35 -18.96
C TYR B 89 12.41 -3.06 -19.45
N ASN B 90 11.29 -3.16 -20.14
CA ASN B 90 10.66 -1.94 -20.72
C ASN B 90 9.33 -1.69 -19.99
N ALA B 91 9.12 -2.24 -18.79
CA ALA B 91 7.99 -1.86 -17.91
C ALA B 91 8.11 -0.38 -17.53
N ILE B 92 6.99 0.33 -17.40
CA ILE B 92 6.99 1.72 -16.86
C ILE B 92 6.04 1.84 -15.66
N SER B 93 5.46 0.73 -15.21
CA SER B 93 4.73 0.60 -13.92
C SER B 93 5.19 -0.68 -13.22
N LYS B 94 4.99 -0.75 -11.90
CA LYS B 94 5.20 -1.96 -11.09
C LYS B 94 4.24 -3.00 -11.64
N PRO B 95 4.62 -4.30 -11.68
CA PRO B 95 3.65 -5.34 -12.01
C PRO B 95 2.53 -5.38 -10.95
N GLU B 96 1.27 -5.29 -11.34
CA GLU B 96 0.15 -5.35 -10.37
C GLU B 96 -0.40 -6.76 -10.43
N VAL B 97 -0.12 -7.57 -9.42
CA VAL B 97 -0.58 -8.99 -9.38
C VAL B 97 -2.04 -9.01 -8.93
N LEU B 98 -2.94 -9.51 -9.77
CA LEU B 98 -4.39 -9.43 -9.55
C LEU B 98 -4.89 -10.65 -8.79
N THR B 99 -4.10 -11.72 -8.73
CA THR B 99 -4.56 -13.05 -8.24
C THR B 99 -3.90 -13.39 -6.92
N PRO B 100 -4.47 -14.35 -6.17
CA PRO B 100 -3.82 -14.86 -4.96
C PRO B 100 -2.38 -15.31 -5.23
N GLN B 101 -1.48 -14.88 -4.37
CA GLN B 101 -0.02 -15.13 -4.56
C GLN B 101 0.37 -16.51 -3.99
N LEU B 102 -0.15 -17.56 -4.62
CA LEU B 102 0.05 -18.99 -4.28
C LEU B 102 0.70 -19.66 -5.48
N ALA B 103 1.67 -20.54 -5.22
CA ALA B 103 2.27 -21.44 -6.23
C ALA B 103 1.74 -22.85 -5.98
N ARG B 104 1.82 -23.70 -7.00
CA ARG B 104 1.63 -25.17 -6.85
C ARG B 104 3.00 -25.80 -6.70
N VAL B 105 3.20 -26.60 -5.66
CA VAL B 105 4.43 -27.42 -5.55
C VAL B 105 4.05 -28.87 -5.78
N VAL B 106 4.71 -29.50 -6.76
CA VAL B 106 4.53 -30.91 -7.18
C VAL B 106 5.54 -31.76 -6.41
N SER B 107 5.23 -33.04 -6.14
CA SER B 107 6.04 -33.93 -5.26
C SER B 107 7.45 -34.17 -5.83
N ASP B 108 7.68 -33.96 -7.12
CA ASP B 108 9.06 -34.03 -7.71
C ASP B 108 9.83 -32.72 -7.48
N GLY B 109 9.22 -31.71 -6.86
CA GLY B 109 9.87 -30.41 -6.61
C GLY B 109 9.62 -29.39 -7.71
N GLU B 110 8.70 -29.64 -8.63
CA GLU B 110 8.37 -28.63 -9.65
C GLU B 110 7.45 -27.59 -8.99
N VAL B 111 7.74 -26.32 -9.28
CA VAL B 111 6.92 -25.17 -8.77
C VAL B 111 6.24 -24.51 -9.98
N LEU B 112 4.93 -24.31 -9.91
CA LEU B 112 4.17 -23.57 -10.95
C LEU B 112 3.56 -22.30 -10.31
N TYR B 113 3.92 -21.14 -10.83
CA TYR B 113 3.38 -19.82 -10.41
C TYR B 113 2.75 -19.18 -11.65
N VAL B 114 1.46 -18.85 -11.58
CA VAL B 114 0.72 -18.18 -12.68
C VAL B 114 0.02 -16.93 -12.17
N PRO B 115 0.76 -15.86 -11.87
CA PRO B 115 0.12 -14.59 -11.54
C PRO B 115 -0.55 -13.95 -12.77
N SER B 116 -1.73 -13.40 -12.58
CA SER B 116 -2.37 -12.46 -13.52
C SER B 116 -1.79 -11.08 -13.22
N ILE B 117 -1.06 -10.51 -14.16
CA ILE B 117 -0.36 -9.21 -14.00
C ILE B 117 -0.98 -8.16 -14.93
N ARG B 118 -1.28 -7.00 -14.37
CA ARG B 118 -1.57 -5.78 -15.12
C ARG B 118 -0.34 -4.88 -15.01
N GLN B 119 0.21 -4.46 -16.12
CA GLN B 119 1.43 -3.64 -16.18
C GLN B 119 1.40 -2.77 -17.46
N ARG B 120 2.08 -1.63 -17.41
CA ARG B 120 2.25 -0.66 -18.50
C ARG B 120 3.65 -0.79 -19.07
N PHE B 121 3.76 -0.81 -20.40
CA PHE B 121 5.04 -0.97 -21.13
C PHE B 121 5.26 0.19 -22.11
N SER B 122 6.53 0.53 -22.29
CA SER B 122 6.99 1.47 -23.33
C SER B 122 7.41 0.60 -24.50
N CYS B 123 6.69 0.69 -25.62
CA CYS B 123 6.93 -0.19 -26.78
C CYS B 123 6.25 0.37 -28.04
N ASP B 124 6.53 -0.25 -29.19
CA ASP B 124 6.10 0.28 -30.51
C ASP B 124 4.59 0.08 -30.67
N VAL B 125 3.84 1.17 -30.57
CA VAL B 125 2.37 1.16 -30.77
C VAL B 125 2.03 1.69 -32.19
N SER B 126 3.01 2.08 -33.00
CA SER B 126 2.69 2.60 -34.35
C SER B 126 2.08 1.44 -35.18
N GLY B 127 1.00 1.74 -35.91
CA GLY B 127 0.33 0.75 -36.76
C GLY B 127 -0.85 0.09 -36.07
N VAL B 128 -1.14 0.43 -34.80
CA VAL B 128 -2.24 -0.23 -34.03
C VAL B 128 -3.58 -0.05 -34.76
N ASP B 129 -3.76 1.12 -35.41
CA ASP B 129 -5.02 1.50 -36.09
C ASP B 129 -5.05 1.02 -37.55
N THR B 130 -4.12 0.14 -37.98
CA THR B 130 -4.01 -0.41 -39.35
C THR B 130 -4.28 -1.91 -39.33
N GLU B 131 -4.36 -2.51 -40.51
CA GLU B 131 -4.77 -3.92 -40.72
C GLU B 131 -3.65 -4.85 -40.26
N SER B 132 -2.38 -4.44 -40.39
CA SER B 132 -1.24 -5.31 -40.07
C SER B 132 -0.87 -5.12 -38.59
N GLY B 133 -1.35 -4.04 -37.97
CA GLY B 133 -1.37 -3.82 -36.51
C GLY B 133 -0.03 -3.30 -35.99
N ALA B 134 0.11 -3.12 -34.68
CA ALA B 134 1.39 -2.79 -34.00
C ALA B 134 2.06 -4.10 -33.54
N THR B 135 3.38 -4.06 -33.35
CA THR B 135 4.16 -5.12 -32.68
C THR B 135 4.85 -4.51 -31.45
N CYS B 136 4.37 -4.87 -30.27
CA CYS B 136 4.91 -4.43 -28.96
C CYS B 136 5.80 -5.55 -28.43
N ARG B 137 7.09 -5.28 -28.20
CA ARG B 137 8.07 -6.26 -27.69
C ARG B 137 8.24 -6.04 -26.18
N ILE B 138 8.02 -7.10 -25.40
CA ILE B 138 8.22 -7.08 -23.92
C ILE B 138 9.40 -8.01 -23.60
N LYS B 139 10.50 -7.48 -23.07
CA LYS B 139 11.70 -8.27 -22.64
C LYS B 139 11.54 -8.61 -21.15
N ILE B 140 11.43 -9.89 -20.79
CA ILE B 140 11.38 -10.33 -19.37
C ILE B 140 12.56 -11.24 -19.07
N GLY B 141 13.39 -10.88 -18.09
CA GLY B 141 14.48 -11.75 -17.60
C GLY B 141 14.73 -11.62 -16.12
N SER B 142 15.66 -12.40 -15.60
CA SER B 142 16.20 -12.20 -14.24
C SER B 142 16.89 -10.84 -14.20
N TRP B 143 16.61 -10.06 -13.16
CA TRP B 143 17.26 -8.73 -12.95
C TRP B 143 18.69 -8.94 -12.44
N THR B 144 18.94 -9.91 -11.56
CA THR B 144 20.23 -9.97 -10.79
C THR B 144 20.99 -11.27 -11.06
N HIS B 145 20.38 -12.28 -11.68
CA HIS B 145 21.02 -13.61 -11.89
C HIS B 145 21.42 -13.78 -13.35
N HIS B 146 22.73 -13.87 -13.63
CA HIS B 146 23.25 -14.09 -15.00
C HIS B 146 23.03 -15.54 -15.42
N SER B 147 23.39 -15.86 -16.67
CA SER B 147 23.07 -17.11 -17.41
C SER B 147 23.61 -18.36 -16.71
N ARG B 148 24.65 -18.25 -15.91
CA ARG B 148 25.19 -19.41 -15.15
C ARG B 148 24.29 -19.73 -13.95
N GLU B 149 23.39 -18.82 -13.55
CA GLU B 149 22.50 -18.97 -12.36
C GLU B 149 21.05 -19.15 -12.77
N ILE B 150 20.57 -18.39 -13.73
CA ILE B 150 19.19 -18.58 -14.24
C ILE B 150 19.28 -18.64 -15.75
N SER B 151 18.58 -19.61 -16.31
CA SER B 151 18.32 -19.69 -17.75
C SER B 151 16.81 -19.50 -17.91
N VAL B 152 16.43 -18.75 -18.92
CA VAL B 152 15.00 -18.45 -19.20
C VAL B 152 14.68 -19.09 -20.54
N ASP B 153 13.59 -19.87 -20.56
CA ASP B 153 13.21 -20.71 -21.71
C ASP B 153 11.73 -20.47 -21.99
N PRO B 154 11.30 -19.99 -23.17
CA PRO B 154 9.86 -19.97 -23.50
C PRO B 154 9.31 -21.32 -24.00
N THR B 155 8.00 -21.49 -24.16
CA THR B 155 7.39 -22.56 -25.02
C THR B 155 6.67 -21.94 -26.22
N SER B 162 -4.46 -16.27 -28.67
CA SER B 162 -5.58 -15.50 -28.06
C SER B 162 -6.61 -16.46 -27.45
N GLU B 163 -6.21 -17.68 -27.11
CA GLU B 163 -7.10 -18.69 -26.51
C GLU B 163 -7.84 -18.12 -25.29
N TYR B 164 -7.22 -17.24 -24.50
CA TYR B 164 -7.81 -16.71 -23.24
C TYR B 164 -8.02 -15.18 -23.32
N PHE B 165 -7.75 -14.60 -24.48
CA PHE B 165 -7.85 -13.13 -24.70
C PHE B 165 -9.31 -12.74 -24.67
N SER B 166 -9.66 -11.68 -23.93
CA SER B 166 -11.06 -11.22 -23.76
C SER B 166 -11.65 -10.89 -25.13
N GLN B 167 -12.81 -11.44 -25.45
CA GLN B 167 -13.55 -11.09 -26.70
C GLN B 167 -14.05 -9.65 -26.60
N TYR B 168 -14.03 -9.02 -25.42
CA TYR B 168 -14.65 -7.70 -25.18
C TYR B 168 -13.63 -6.57 -25.16
N SER B 169 -12.34 -6.87 -25.32
CA SER B 169 -11.29 -5.85 -25.60
C SER B 169 -11.69 -5.07 -26.86
N ARG B 170 -11.36 -3.79 -27.00
CA ARG B 170 -11.52 -3.10 -28.31
C ARG B 170 -10.35 -3.50 -29.21
N PHE B 171 -9.40 -4.32 -28.75
CA PHE B 171 -8.28 -4.80 -29.59
C PHE B 171 -8.45 -6.30 -29.83
N GLU B 172 -7.67 -6.84 -30.75
CA GLU B 172 -7.61 -8.30 -31.04
C GLU B 172 -6.15 -8.64 -31.33
N ILE B 173 -5.79 -9.90 -31.07
CA ILE B 173 -4.38 -10.33 -31.23
C ILE B 173 -4.27 -10.97 -32.61
N LEU B 174 -3.27 -10.59 -33.38
CA LEU B 174 -2.97 -11.19 -34.70
C LEU B 174 -1.96 -12.32 -34.52
N ASP B 175 -0.99 -12.15 -33.62
CA ASP B 175 0.13 -13.11 -33.42
C ASP B 175 0.89 -12.77 -32.13
N VAL B 176 1.35 -13.80 -31.42
CA VAL B 176 2.32 -13.68 -30.28
C VAL B 176 3.51 -14.58 -30.60
N THR B 177 4.70 -14.01 -30.67
CA THR B 177 6.02 -14.68 -30.84
C THR B 177 6.76 -14.66 -29.50
N GLN B 178 7.34 -15.77 -29.04
CA GLN B 178 8.16 -15.78 -27.78
C GLN B 178 9.54 -16.33 -28.14
N LYS B 179 10.58 -15.49 -28.16
CA LYS B 179 11.94 -15.79 -28.66
C LYS B 179 12.94 -15.60 -27.50
N LYS B 180 13.77 -16.60 -27.22
CA LYS B 180 14.88 -16.45 -26.24
C LYS B 180 15.87 -15.38 -26.73
N ASN B 181 16.53 -14.67 -25.82
CA ASN B 181 17.49 -13.59 -26.15
C ASN B 181 18.35 -13.38 -24.88
N SER B 182 19.30 -12.45 -24.91
CA SER B 182 20.13 -12.12 -23.71
C SER B 182 20.60 -10.67 -23.78
N VAL B 183 20.88 -10.09 -22.60
CA VAL B 183 21.47 -8.73 -22.42
C VAL B 183 22.84 -8.93 -21.77
N THR B 184 23.78 -8.06 -22.07
CA THR B 184 25.13 -7.99 -21.48
C THR B 184 25.47 -6.50 -21.31
N TYR B 185 26.15 -6.16 -20.22
CA TYR B 185 26.57 -4.78 -19.87
C TYR B 185 28.09 -4.74 -20.11
N SER B 186 28.58 -3.71 -20.83
CA SER B 186 29.96 -3.66 -21.38
C SER B 186 30.98 -3.95 -20.26
N CYS B 187 30.76 -3.44 -19.03
CA CYS B 187 31.63 -3.63 -17.82
C CYS B 187 32.13 -5.08 -17.72
N CYS B 188 31.23 -6.05 -17.86
CA CYS B 188 31.37 -7.42 -17.29
C CYS B 188 31.04 -8.45 -18.37
N PRO B 189 31.61 -9.68 -18.27
CA PRO B 189 31.31 -10.74 -19.23
C PRO B 189 29.94 -11.40 -19.03
N GLU B 190 29.27 -11.15 -17.89
CA GLU B 190 27.98 -11.79 -17.47
C GLU B 190 26.91 -11.51 -18.53
N ALA B 191 26.16 -12.54 -18.95
CA ALA B 191 24.96 -12.44 -19.80
C ALA B 191 23.72 -12.77 -18.98
N TYR B 192 22.69 -11.92 -19.09
CA TYR B 192 21.36 -12.12 -18.47
C TYR B 192 20.42 -12.59 -19.56
N GLU B 193 19.80 -13.75 -19.36
CA GLU B 193 18.87 -14.34 -20.36
C GLU B 193 17.51 -13.68 -20.21
N ASP B 194 16.82 -13.45 -21.32
CA ASP B 194 15.44 -12.93 -21.30
C ASP B 194 14.60 -13.70 -22.31
N VAL B 195 13.29 -13.63 -22.16
CA VAL B 195 12.30 -13.90 -23.24
C VAL B 195 11.84 -12.55 -23.82
N GLU B 196 11.98 -12.39 -25.13
CA GLU B 196 11.34 -11.29 -25.89
C GLU B 196 9.96 -11.79 -26.36
N VAL B 197 8.90 -11.17 -25.88
CA VAL B 197 7.51 -11.49 -26.32
C VAL B 197 7.06 -10.38 -27.27
N SER B 198 6.68 -10.78 -28.48
CA SER B 198 6.21 -9.89 -29.57
C SER B 198 4.70 -10.04 -29.68
N LEU B 199 3.99 -9.03 -29.22
CA LEU B 199 2.51 -8.97 -29.29
C LEU B 199 2.15 -8.16 -30.53
N ASN B 200 1.71 -8.83 -31.59
CA ASN B 200 1.17 -8.19 -32.82
C ASN B 200 -0.34 -8.06 -32.63
N PHE B 201 -0.86 -6.84 -32.51
CA PHE B 201 -2.30 -6.61 -32.21
C PHE B 201 -2.82 -5.40 -32.97
N ARG B 202 -4.14 -5.21 -33.02
CA ARG B 202 -4.70 -3.98 -33.66
C ARG B 202 -6.08 -3.67 -33.09
N LYS B 203 -6.56 -2.42 -33.30
CA LYS B 203 -7.94 -2.03 -32.98
C LYS B 203 -8.86 -2.86 -33.87
N LYS B 204 -10.03 -3.26 -33.39
CA LYS B 204 -10.91 -4.19 -34.13
C LYS B 204 -11.52 -3.50 -35.36
N ALA C 1 32.06 -23.89 0.04
CA ALA C 1 30.89 -23.03 0.48
C ALA C 1 29.93 -22.85 -0.70
N ASP C 2 28.64 -23.16 -0.46
CA ASP C 2 27.54 -22.98 -1.45
C ASP C 2 26.84 -21.63 -1.18
N ARG C 3 25.84 -21.33 -2.00
CA ARG C 3 25.15 -20.02 -1.98
C ARG C 3 24.53 -19.80 -0.60
N ALA C 4 23.88 -20.83 -0.05
CA ALA C 4 23.19 -20.76 1.26
C ALA C 4 24.18 -20.38 2.37
N ASP C 5 25.39 -20.95 2.39
CA ASP C 5 26.47 -20.60 3.35
C ASP C 5 26.92 -19.15 3.18
N ILE C 6 27.15 -18.70 1.97
CA ILE C 6 27.50 -17.26 1.74
C ILE C 6 26.39 -16.35 2.30
N LEU C 7 25.13 -16.68 2.02
CA LEU C 7 23.99 -15.80 2.41
C LEU C 7 23.83 -15.91 3.91
N TYR C 8 24.00 -17.10 4.51
CA TYR C 8 23.89 -17.26 6.00
C TYR C 8 24.98 -16.45 6.67
N ASN C 9 26.19 -16.40 6.13
CA ASN C 9 27.30 -15.58 6.70
C ASN C 9 26.92 -14.07 6.60
N ILE C 10 26.51 -13.63 5.41
CA ILE C 10 26.07 -12.20 5.21
C ILE C 10 24.95 -11.90 6.23
N ARG C 11 23.97 -12.77 6.31
CA ARG C 11 22.76 -12.57 7.16
C ARG C 11 23.21 -12.44 8.61
N GLN C 12 24.20 -13.21 9.07
CA GLN C 12 24.65 -13.15 10.47
C GLN C 12 25.56 -11.97 10.72
N THR C 13 26.31 -11.45 9.76
CA THR C 13 27.29 -10.32 10.00
C THR C 13 26.69 -8.97 9.62
N SER C 14 25.86 -8.89 8.58
CA SER C 14 25.34 -7.62 8.06
C SER C 14 24.41 -7.01 9.12
N ARG C 15 24.58 -5.73 9.39
CA ARG C 15 23.72 -4.99 10.32
C ARG C 15 22.99 -3.94 9.48
N PRO C 16 21.78 -4.24 8.98
CA PRO C 16 21.10 -3.35 8.05
C PRO C 16 21.00 -1.90 8.57
N ASP C 17 20.99 -1.69 9.89
CA ASP C 17 20.76 -0.35 10.48
C ASP C 17 22.09 0.32 10.83
N VAL C 18 23.24 -0.25 10.46
CA VAL C 18 24.57 0.26 10.87
C VAL C 18 25.38 0.58 9.61
N ILE C 19 25.73 1.83 9.43
CA ILE C 19 26.54 2.24 8.25
C ILE C 19 27.87 1.51 8.39
N PRO C 20 28.40 0.84 7.35
CA PRO C 20 29.68 0.14 7.45
C PRO C 20 30.92 1.02 7.30
N THR C 21 31.07 2.05 8.13
CA THR C 21 32.25 2.94 8.11
C THR C 21 33.43 2.10 8.66
N GLN C 22 34.57 2.19 7.98
CA GLN C 22 35.87 1.70 8.48
C GLN C 22 36.61 2.85 9.15
N ARG C 23 36.91 2.69 10.44
CA ARG C 23 37.49 3.70 11.37
C ARG C 23 36.75 5.02 11.15
N ASP C 24 37.42 6.16 10.99
CA ASP C 24 36.69 7.45 10.87
C ASP C 24 36.31 7.78 9.41
N ARG C 25 36.46 6.85 8.47
CA ARG C 25 36.35 7.13 7.02
C ARG C 25 34.89 6.99 6.59
N PRO C 26 34.42 7.89 5.72
CA PRO C 26 33.08 7.78 5.16
C PRO C 26 32.98 6.50 4.32
N VAL C 27 31.77 5.95 4.18
CA VAL C 27 31.46 4.95 3.11
C VAL C 27 31.41 5.68 1.77
N ALA C 28 32.18 5.20 0.80
CA ALA C 28 32.23 5.76 -0.57
C ALA C 28 31.09 5.12 -1.34
N VAL C 29 30.02 5.88 -1.58
CA VAL C 29 28.88 5.38 -2.39
C VAL C 29 29.04 5.95 -3.80
N SER C 30 29.06 5.07 -4.77
CA SER C 30 29.12 5.42 -6.19
C SER C 30 27.69 5.33 -6.75
N VAL C 31 27.20 6.42 -7.40
CA VAL C 31 25.83 6.58 -7.95
C VAL C 31 25.89 7.13 -9.37
N SER C 32 25.35 6.38 -10.34
CA SER C 32 25.08 6.75 -11.73
C SER C 32 23.63 6.55 -12.08
N LEU C 33 23.01 7.50 -12.77
CA LEU C 33 21.70 7.24 -13.40
C LEU C 33 21.94 6.87 -14.86
N LYS C 34 21.27 5.82 -15.34
CA LYS C 34 21.11 5.48 -16.77
C LYS C 34 19.64 5.72 -17.10
N PHE C 35 19.36 6.74 -17.90
CA PHE C 35 17.96 7.11 -18.26
C PHE C 35 17.40 6.09 -19.25
N ILE C 36 16.21 5.62 -18.97
CA ILE C 36 15.53 4.57 -19.78
C ILE C 36 14.35 5.21 -20.47
N ASN C 37 13.68 6.15 -19.86
CA ASN C 37 12.46 6.70 -20.50
C ASN C 37 12.15 8.06 -19.90
N ILE C 38 11.51 8.90 -20.72
CA ILE C 38 10.93 10.18 -20.27
C ILE C 38 9.48 10.07 -20.70
N LEU C 39 8.57 10.03 -19.73
CA LEU C 39 7.19 9.55 -19.94
C LEU C 39 6.24 10.74 -20.09
N GLU C 40 6.43 11.75 -19.26
CA GLU C 40 5.51 12.92 -19.20
C GLU C 40 6.37 14.12 -18.87
N VAL C 41 6.18 15.18 -19.63
CA VAL C 41 6.87 16.48 -19.46
C VAL C 41 5.79 17.56 -19.48
N ASN C 42 5.87 18.50 -18.56
CA ASN C 42 4.88 19.58 -18.44
C ASN C 42 5.68 20.87 -18.34
N GLU C 43 5.69 21.64 -19.43
CA GLU C 43 6.47 22.89 -19.58
C GLU C 43 5.77 23.99 -18.79
N ILE C 44 4.47 23.86 -18.53
CA ILE C 44 3.70 24.84 -17.70
C ILE C 44 4.06 24.62 -16.22
N THR C 45 3.95 23.39 -15.71
CA THR C 45 4.21 23.10 -14.27
C THR C 45 5.70 22.84 -14.05
N ASN C 46 6.53 22.69 -15.09
CA ASN C 46 7.96 22.30 -14.91
C ASN C 46 8.08 20.98 -14.11
N GLU C 47 7.46 19.91 -14.62
CA GLU C 47 7.49 18.59 -13.98
C GLU C 47 7.78 17.55 -15.06
N VAL C 48 8.62 16.59 -14.71
CA VAL C 48 8.99 15.47 -15.62
C VAL C 48 8.79 14.18 -14.84
N ASP C 49 8.31 13.16 -15.52
CA ASP C 49 8.16 11.78 -15.05
C ASP C 49 9.23 10.97 -15.79
N VAL C 50 10.20 10.40 -15.08
CA VAL C 50 11.32 9.66 -15.73
C VAL C 50 11.48 8.26 -15.13
N VAL C 51 12.06 7.37 -15.95
CA VAL C 51 12.47 6.01 -15.57
C VAL C 51 13.99 5.99 -15.72
N PHE C 52 14.68 5.65 -14.65
CA PHE C 52 16.15 5.51 -14.65
C PHE C 52 16.56 4.27 -13.81
N TRP C 53 17.68 3.71 -14.23
CA TRP C 53 18.46 2.70 -13.47
C TRP C 53 19.38 3.48 -12.56
N GLN C 54 19.25 3.32 -11.26
CA GLN C 54 20.18 3.99 -10.32
C GLN C 54 21.29 3.00 -9.94
N ARG C 55 22.37 2.98 -10.70
CA ARG C 55 23.53 2.12 -10.41
C ARG C 55 24.18 2.60 -9.11
N THR C 56 24.13 1.77 -8.08
CA THR C 56 24.60 2.13 -6.72
C THR C 56 25.55 1.05 -6.25
N THR C 57 26.76 1.43 -5.86
CA THR C 57 27.79 0.48 -5.34
C THR C 57 28.49 1.13 -4.14
N TRP C 58 28.85 0.27 -3.21
CA TRP C 58 29.68 0.61 -2.04
C TRP C 58 30.35 -0.69 -1.58
N SER C 59 31.21 -0.54 -0.61
CA SER C 59 32.00 -1.64 -0.03
C SER C 59 31.49 -1.87 1.40
N ASP C 60 31.16 -3.14 1.73
CA ASP C 60 31.06 -3.57 3.15
C ASP C 60 32.03 -4.76 3.32
N ARG C 61 33.26 -4.47 3.71
CA ARG C 61 34.38 -5.45 3.68
C ARG C 61 34.14 -6.53 4.74
N THR C 62 33.31 -6.30 5.74
CA THR C 62 32.95 -7.31 6.78
C THR C 62 32.19 -8.48 6.16
N LEU C 63 31.62 -8.36 4.95
CA LEU C 63 30.81 -9.42 4.29
C LEU C 63 31.69 -10.33 3.41
N ALA C 64 32.97 -10.02 3.24
CA ALA C 64 33.83 -10.62 2.20
C ALA C 64 34.05 -12.13 2.53
N TRP C 65 34.27 -12.95 1.51
CA TRP C 65 34.60 -14.38 1.68
C TRP C 65 35.62 -14.81 0.62
N ASP C 66 36.24 -15.94 0.87
CA ASP C 66 37.22 -16.59 -0.05
C ASP C 66 36.38 -17.34 -1.08
N SER C 67 36.50 -16.97 -2.34
CA SER C 67 35.67 -17.54 -3.44
C SER C 67 36.54 -18.35 -4.42
N SER C 68 37.76 -18.73 -4.05
CA SER C 68 38.67 -19.51 -4.95
C SER C 68 37.99 -20.83 -5.35
N HIS C 69 37.18 -21.41 -4.46
CA HIS C 69 36.39 -22.66 -4.71
C HIS C 69 34.91 -22.46 -4.37
N SER C 70 34.36 -21.25 -4.54
CA SER C 70 32.95 -20.87 -4.19
C SER C 70 32.42 -19.87 -5.21
N PRO C 71 31.08 -19.63 -5.27
CA PRO C 71 30.56 -18.52 -6.07
C PRO C 71 31.17 -17.21 -5.58
N ASP C 72 31.51 -16.29 -6.48
CA ASP C 72 32.11 -14.98 -6.05
C ASP C 72 31.02 -13.91 -5.94
N GLN C 73 29.76 -14.25 -6.20
CA GLN C 73 28.60 -13.34 -6.03
C GLN C 73 27.34 -14.08 -5.61
N VAL C 74 26.54 -13.43 -4.77
CA VAL C 74 25.12 -13.83 -4.52
C VAL C 74 24.18 -12.63 -4.66
N SER C 75 22.91 -12.92 -4.94
CA SER C 75 21.77 -11.99 -4.83
C SER C 75 21.22 -12.07 -3.42
N VAL C 76 21.06 -10.93 -2.76
CA VAL C 76 20.58 -10.82 -1.37
C VAL C 76 19.46 -9.79 -1.34
N PRO C 77 18.35 -10.06 -0.63
CA PRO C 77 17.32 -9.03 -0.42
C PRO C 77 17.94 -7.81 0.27
N ILE C 78 17.62 -6.59 -0.18
CA ILE C 78 18.22 -5.39 0.44
C ILE C 78 17.84 -5.29 1.91
N SER C 79 16.73 -5.86 2.34
CA SER C 79 16.32 -5.84 3.77
C SER C 79 17.40 -6.51 4.64
N SER C 80 18.27 -7.39 4.11
CA SER C 80 19.35 -8.04 4.87
C SER C 80 20.64 -7.24 4.91
N LEU C 81 20.72 -6.13 4.17
CA LEU C 81 21.97 -5.34 3.98
C LEU C 81 21.76 -3.92 4.47
N TRP C 82 22.82 -3.25 4.84
CA TRP C 82 22.74 -1.78 4.96
C TRP C 82 22.70 -1.22 3.54
N VAL C 83 21.87 -0.23 3.31
CA VAL C 83 21.75 0.44 1.99
C VAL C 83 21.81 1.92 2.28
N PRO C 84 22.53 2.69 1.47
CA PRO C 84 22.53 4.14 1.60
C PRO C 84 21.11 4.74 1.51
N ASP C 85 20.84 5.69 2.40
CA ASP C 85 19.56 6.43 2.54
C ASP C 85 19.56 7.57 1.49
N LEU C 86 19.74 7.25 0.22
CA LEU C 86 19.77 8.23 -0.89
C LEU C 86 18.36 8.77 -1.11
N ALA C 87 18.24 10.05 -1.42
CA ALA C 87 16.95 10.69 -1.82
C ALA C 87 17.22 11.70 -2.90
N ALA C 88 16.26 11.92 -3.76
CA ALA C 88 16.32 13.04 -4.74
C ALA C 88 15.70 14.25 -4.06
N TYR C 89 16.47 15.30 -3.85
CA TYR C 89 16.02 16.55 -3.17
C TYR C 89 14.91 17.24 -3.97
N ASN C 90 14.82 17.08 -5.29
CA ASN C 90 13.77 17.81 -6.03
C ASN C 90 12.71 16.82 -6.51
N ALA C 91 12.64 15.61 -5.89
CA ALA C 91 11.54 14.66 -6.17
C ALA C 91 10.22 15.30 -5.72
N ILE C 92 9.12 15.04 -6.46
CA ILE C 92 7.77 15.44 -5.99
C ILE C 92 6.84 14.24 -5.94
N SER C 93 7.34 13.04 -6.20
CA SER C 93 6.64 11.76 -5.92
C SER C 93 7.61 10.81 -5.19
N LYS C 94 7.10 9.79 -4.51
CA LYS C 94 7.98 8.77 -3.88
C LYS C 94 8.59 7.98 -5.01
N PRO C 95 9.84 7.51 -4.88
CA PRO C 95 10.45 6.67 -5.91
C PRO C 95 9.66 5.38 -6.08
N GLU C 96 9.18 5.05 -7.27
CA GLU C 96 8.46 3.78 -7.53
C GLU C 96 9.52 2.80 -8.07
N VAL C 97 9.95 1.86 -7.25
CA VAL C 97 10.96 0.84 -7.63
C VAL C 97 10.23 -0.20 -8.46
N LEU C 98 10.61 -0.37 -9.71
CA LEU C 98 9.87 -1.25 -10.67
C LEU C 98 10.44 -2.67 -10.58
N THR C 99 11.64 -2.87 -10.02
CA THR C 99 12.38 -4.14 -10.13
C THR C 99 12.50 -4.83 -8.78
N PRO C 100 12.82 -6.14 -8.74
CA PRO C 100 13.03 -6.84 -7.48
C PRO C 100 14.12 -6.17 -6.64
N GLN C 101 13.84 -6.03 -5.36
CA GLN C 101 14.72 -5.32 -4.40
C GLN C 101 15.80 -6.25 -3.84
N LEU C 102 16.72 -6.62 -4.73
CA LEU C 102 17.86 -7.52 -4.52
C LEU C 102 19.10 -6.71 -4.84
N ALA C 103 20.14 -6.87 -4.03
CA ALA C 103 21.51 -6.42 -4.33
C ALA C 103 22.34 -7.66 -4.70
N ARG C 104 23.43 -7.44 -5.41
CA ARG C 104 24.52 -8.43 -5.58
C ARG C 104 25.58 -8.13 -4.52
N VAL C 105 26.00 -9.15 -3.77
CA VAL C 105 27.21 -9.01 -2.91
C VAL C 105 28.31 -9.87 -3.54
N VAL C 106 29.44 -9.23 -3.79
CA VAL C 106 30.65 -9.81 -4.43
C VAL C 106 31.61 -10.23 -3.29
N SER C 107 32.47 -11.25 -3.54
CA SER C 107 33.26 -11.91 -2.47
C SER C 107 34.27 -10.95 -1.83
N ASP C 108 34.63 -9.87 -2.50
CA ASP C 108 35.52 -8.79 -1.93
C ASP C 108 34.71 -7.83 -1.06
N GLY C 109 33.40 -8.03 -0.91
CA GLY C 109 32.56 -7.15 -0.06
C GLY C 109 31.92 -5.99 -0.81
N GLU C 110 32.00 -5.97 -2.13
CA GLU C 110 31.30 -4.94 -2.91
C GLU C 110 29.81 -5.32 -2.98
N VAL C 111 28.96 -4.30 -2.80
CA VAL C 111 27.48 -4.43 -2.93
C VAL C 111 27.03 -3.61 -4.15
N LEU C 112 26.24 -4.20 -5.04
CA LEU C 112 25.68 -3.52 -6.23
C LEU C 112 24.15 -3.58 -6.11
N TYR C 113 23.52 -2.41 -6.07
CA TYR C 113 22.03 -2.24 -6.11
C TYR C 113 21.71 -1.41 -7.36
N VAL C 114 20.88 -1.94 -8.25
CA VAL C 114 20.44 -1.25 -9.50
C VAL C 114 18.92 -1.28 -9.62
N PRO C 115 18.21 -0.52 -8.78
CA PRO C 115 16.77 -0.41 -8.93
C PRO C 115 16.44 0.43 -10.19
N SER C 116 15.43 -0.02 -10.93
CA SER C 116 14.76 0.79 -11.96
C SER C 116 13.70 1.62 -11.22
N ILE C 117 13.85 2.94 -11.28
CA ILE C 117 12.97 3.88 -10.55
C ILE C 117 12.17 4.73 -11.55
N ARG C 118 10.88 4.82 -11.32
CA ARG C 118 9.99 5.82 -11.95
C ARG C 118 9.66 6.86 -10.90
N GLN C 119 10.00 8.12 -11.18
CA GLN C 119 9.82 9.23 -10.23
C GLN C 119 9.53 10.54 -10.99
N ARG C 120 8.79 11.44 -10.35
CA ARG C 120 8.45 12.79 -10.88
C ARG C 120 9.36 13.81 -10.20
N PHE C 121 9.89 14.74 -10.99
CA PHE C 121 10.81 15.79 -10.53
C PHE C 121 10.29 17.17 -10.86
N SER C 122 10.57 18.11 -9.97
CA SER C 122 10.38 19.56 -10.27
C SER C 122 11.72 20.05 -10.78
N CYS C 123 11.78 20.44 -12.05
CA CYS C 123 13.04 20.90 -12.68
C CYS C 123 12.73 21.71 -13.97
N ASP C 124 13.76 22.33 -14.51
CA ASP C 124 13.67 23.24 -15.66
C ASP C 124 13.30 22.47 -16.93
N VAL C 125 12.07 22.62 -17.37
CA VAL C 125 11.58 21.99 -18.63
C VAL C 125 11.57 23.04 -19.75
N SER C 126 11.94 24.30 -19.49
CA SER C 126 11.93 25.32 -20.57
C SER C 126 12.98 24.93 -21.63
N GLY C 127 12.59 25.02 -22.90
CA GLY C 127 13.45 24.71 -24.05
C GLY C 127 13.24 23.30 -24.56
N VAL C 128 12.35 22.50 -23.97
CA VAL C 128 12.17 21.06 -24.36
C VAL C 128 11.80 20.98 -25.85
N ASP C 129 11.01 21.93 -26.34
CA ASP C 129 10.49 21.94 -27.74
C ASP C 129 11.44 22.65 -28.71
N THR C 130 12.68 22.92 -28.31
CA THR C 130 13.72 23.60 -29.12
C THR C 130 14.87 22.63 -29.41
N GLU C 131 15.78 23.04 -30.27
CA GLU C 131 16.86 22.16 -30.79
C GLU C 131 17.91 21.92 -29.68
N SER C 132 18.12 22.90 -28.80
CA SER C 132 19.16 22.80 -27.76
C SER C 132 18.58 22.11 -26.51
N GLY C 133 17.24 22.06 -26.41
CA GLY C 133 16.48 21.20 -25.48
C GLY C 133 16.36 21.82 -24.10
N ALA C 134 15.75 21.11 -23.15
CA ALA C 134 15.72 21.45 -21.72
C ALA C 134 16.90 20.78 -21.01
N THR C 135 17.31 21.36 -19.88
CA THR C 135 18.24 20.75 -18.92
C THR C 135 17.52 20.60 -17.56
N CYS C 136 17.19 19.37 -17.21
CA CYS C 136 16.57 19.00 -15.92
C CYS C 136 17.67 18.49 -14.97
N ARG C 137 17.86 19.13 -13.83
CA ARG C 137 18.89 18.77 -12.83
C ARG C 137 18.21 17.96 -11.71
N ILE C 138 18.72 16.75 -11.46
CA ILE C 138 18.24 15.87 -10.35
C ILE C 138 19.36 15.76 -9.32
N LYS C 139 19.15 16.29 -8.10
CA LYS C 139 20.10 16.19 -6.97
C LYS C 139 19.78 14.92 -6.14
N ILE C 140 20.72 13.97 -6.08
CA ILE C 140 20.59 12.76 -5.23
C ILE C 140 21.70 12.73 -4.19
N GLY C 141 21.37 12.65 -2.91
CA GLY C 141 22.37 12.40 -1.85
C GLY C 141 21.75 11.72 -0.64
N SER C 142 22.59 11.42 0.34
CA SER C 142 22.15 10.88 1.65
C SER C 142 21.25 11.92 2.31
N TRP C 143 20.11 11.48 2.84
CA TRP C 143 19.18 12.35 3.57
C TRP C 143 19.74 12.66 4.96
N THR C 144 20.35 11.69 5.64
CA THR C 144 20.67 11.82 7.09
C THR C 144 22.19 11.75 7.37
N HIS C 145 23.01 11.32 6.42
CA HIS C 145 24.46 11.09 6.65
C HIS C 145 25.28 12.20 5.98
N HIS C 146 25.98 13.00 6.77
CA HIS C 146 26.89 14.08 6.27
C HIS C 146 28.18 13.44 5.72
N SER C 147 29.05 14.28 5.17
CA SER C 147 30.23 13.94 4.32
C SER C 147 31.24 13.08 5.09
N ARG C 148 31.28 13.15 6.42
CA ARG C 148 32.23 12.32 7.20
C ARG C 148 31.70 10.89 7.30
N GLU C 149 30.43 10.63 6.96
CA GLU C 149 29.81 9.27 7.05
C GLU C 149 29.52 8.71 5.67
N ILE C 150 29.00 9.50 4.75
CA ILE C 150 28.81 9.03 3.36
C ILE C 150 29.39 10.08 2.43
N SER C 151 30.15 9.62 1.45
CA SER C 151 30.62 10.42 0.32
C SER C 151 29.94 9.83 -0.90
N VAL C 152 29.57 10.70 -1.83
CA VAL C 152 28.89 10.30 -3.10
C VAL C 152 29.82 10.62 -4.24
N ASP C 153 30.01 9.65 -5.14
CA ASP C 153 30.97 9.67 -6.26
C ASP C 153 30.19 9.33 -7.54
N PRO C 154 30.16 10.18 -8.59
CA PRO C 154 29.55 9.80 -9.87
C PRO C 154 30.40 8.91 -10.78
N ASP C 161 25.29 7.94 -23.13
CA ASP C 161 24.26 8.51 -22.23
C ASP C 161 22.90 7.87 -22.51
N SER C 162 22.64 7.44 -23.73
CA SER C 162 21.31 6.92 -24.17
C SER C 162 21.45 5.50 -24.71
N GLU C 163 22.51 4.80 -24.34
CA GLU C 163 22.74 3.37 -24.66
C GLU C 163 21.49 2.53 -24.36
N TYR C 164 20.73 2.83 -23.31
CA TYR C 164 19.58 2.00 -22.85
C TYR C 164 18.27 2.80 -22.88
N PHE C 165 18.33 4.03 -23.37
CA PHE C 165 17.16 4.93 -23.49
C PHE C 165 16.19 4.37 -24.52
N SER C 166 14.90 4.28 -24.19
CA SER C 166 13.87 3.69 -25.06
C SER C 166 13.84 4.49 -26.37
N GLN C 167 13.92 3.78 -27.49
CA GLN C 167 13.79 4.42 -28.82
C GLN C 167 12.34 4.88 -29.03
N TYR C 168 11.39 4.47 -28.18
CA TYR C 168 9.94 4.73 -28.37
C TYR C 168 9.43 5.90 -27.52
N SER C 169 10.28 6.48 -26.68
CA SER C 169 9.99 7.77 -26.02
C SER C 169 9.66 8.84 -27.09
N ARG C 170 8.80 9.80 -26.79
CA ARG C 170 8.61 11.04 -27.56
C ARG C 170 9.86 11.92 -27.50
N PHE C 171 10.76 11.65 -26.55
CA PHE C 171 11.92 12.53 -26.28
C PHE C 171 13.19 11.78 -26.67
N GLU C 172 14.31 12.48 -26.72
CA GLU C 172 15.65 11.90 -26.98
C GLU C 172 16.65 12.68 -26.14
N ILE C 173 17.76 12.03 -25.81
CA ILE C 173 18.76 12.58 -24.86
C ILE C 173 19.86 13.19 -25.70
N LEU C 174 20.24 14.42 -25.39
CA LEU C 174 21.34 15.15 -26.06
C LEU C 174 22.60 14.93 -25.24
N ASP C 175 22.49 14.94 -23.92
CA ASP C 175 23.65 14.88 -22.99
C ASP C 175 23.19 14.55 -21.58
N VAL C 176 23.97 13.76 -20.86
CA VAL C 176 23.83 13.57 -19.39
C VAL C 176 25.20 13.91 -18.77
N THR C 177 25.22 14.89 -17.88
CA THR C 177 26.37 15.32 -17.03
C THR C 177 26.11 14.83 -15.60
N GLN C 178 27.09 14.23 -14.91
CA GLN C 178 26.98 13.83 -13.49
C GLN C 178 28.12 14.52 -12.73
N LYS C 179 27.81 15.52 -11.91
CA LYS C 179 28.78 16.40 -11.19
C LYS C 179 28.60 16.20 -9.68
N LYS C 180 29.68 15.94 -8.95
CA LYS C 180 29.65 15.94 -7.46
C LYS C 180 29.30 17.35 -6.96
N ASN C 181 28.65 17.45 -5.81
CA ASN C 181 28.25 18.75 -5.20
C ASN C 181 27.96 18.48 -3.71
N SER C 182 27.64 19.51 -2.93
CA SER C 182 27.29 19.35 -1.49
C SER C 182 26.34 20.46 -1.03
N VAL C 183 25.51 20.15 -0.03
CA VAL C 183 24.54 21.06 0.62
C VAL C 183 24.93 21.18 2.09
N THR C 184 24.61 22.30 2.73
CA THR C 184 24.89 22.64 4.15
C THR C 184 23.68 23.45 4.66
N TYR C 185 23.26 23.22 5.91
CA TYR C 185 22.10 23.88 6.57
C TYR C 185 22.67 24.88 7.59
N SER C 186 22.17 26.12 7.59
CA SER C 186 22.72 27.26 8.38
C SER C 186 23.01 26.85 9.82
N CYS C 187 22.09 26.11 10.46
CA CYS C 187 22.20 25.61 11.88
C CYS C 187 23.61 25.06 12.18
N CYS C 188 24.15 24.21 11.30
CA CYS C 188 25.15 23.17 11.65
C CYS C 188 26.30 23.20 10.65
N PRO C 189 27.53 22.81 11.07
CA PRO C 189 28.69 22.79 10.18
C PRO C 189 28.70 21.63 9.17
N GLU C 190 27.82 20.63 9.36
CA GLU C 190 27.74 19.36 8.58
C GLU C 190 27.49 19.68 7.10
N ALA C 191 28.24 19.05 6.21
CA ALA C 191 28.02 19.05 4.73
C ALA C 191 27.51 17.69 4.25
N TYR C 192 26.43 17.69 3.46
CA TYR C 192 25.83 16.49 2.83
C TYR C 192 26.24 16.48 1.36
N GLU C 193 26.88 15.41 0.92
CA GLU C 193 27.32 15.24 -0.48
C GLU C 193 26.14 14.80 -1.34
N ASP C 194 26.09 15.29 -2.57
CA ASP C 194 25.10 14.83 -3.57
C ASP C 194 25.78 14.65 -4.92
N VAL C 195 25.17 13.90 -5.82
CA VAL C 195 25.38 13.97 -7.28
C VAL C 195 24.26 14.82 -7.91
N GLU C 196 24.63 15.86 -8.64
CA GLU C 196 23.75 16.62 -9.56
C GLU C 196 23.79 15.94 -10.93
N VAL C 197 22.68 15.39 -11.39
CA VAL C 197 22.59 14.78 -12.74
C VAL C 197 21.82 15.75 -13.62
N SER C 198 22.44 16.16 -14.72
CA SER C 198 21.91 17.14 -15.70
C SER C 198 21.49 16.36 -16.93
N LEU C 199 20.18 16.22 -17.10
CA LEU C 199 19.59 15.55 -18.26
C LEU C 199 19.22 16.63 -19.27
N ASN C 200 20.01 16.76 -20.33
CA ASN C 200 19.72 17.64 -21.48
C ASN C 200 18.93 16.80 -22.50
N PHE C 201 17.66 17.12 -22.73
CA PHE C 201 16.79 16.33 -23.63
C PHE C 201 15.87 17.24 -24.46
N ARG C 202 15.22 16.72 -25.49
CA ARG C 202 14.21 17.51 -26.24
C ARG C 202 13.19 16.59 -26.88
N LYS C 203 12.06 17.17 -27.31
CA LYS C 203 11.03 16.45 -28.12
C LYS C 203 11.68 16.12 -29.46
N LYS C 204 11.36 14.98 -30.07
CA LYS C 204 12.16 14.44 -31.20
C LYS C 204 12.01 15.30 -32.46
N ALA D 1 32.66 2.54 22.79
CA ALA D 1 31.41 2.18 22.04
C ALA D 1 31.49 2.67 20.58
N ASP D 2 31.30 1.77 19.61
CA ASP D 2 31.19 2.07 18.15
C ASP D 2 29.70 2.22 17.74
N ARG D 3 29.42 2.44 16.47
CA ARG D 3 28.07 2.73 15.95
C ARG D 3 27.16 1.53 16.27
N ALA D 4 27.63 0.31 16.05
CA ALA D 4 26.84 -0.92 16.27
C ALA D 4 26.36 -1.01 17.72
N ASP D 5 27.24 -0.70 18.68
CA ASP D 5 26.93 -0.65 20.13
C ASP D 5 25.91 0.45 20.43
N ILE D 6 26.09 1.66 19.91
CA ILE D 6 25.07 2.75 20.11
C ILE D 6 23.69 2.27 19.61
N LEU D 7 23.63 1.68 18.43
CA LEU D 7 22.33 1.24 17.83
C LEU D 7 21.76 0.07 18.62
N TYR D 8 22.61 -0.88 19.01
CA TYR D 8 22.20 -2.02 19.89
C TYR D 8 21.56 -1.48 21.19
N ASN D 9 22.21 -0.51 21.82
CA ASN D 9 21.72 0.07 23.09
C ASN D 9 20.43 0.84 22.87
N ILE D 10 20.32 1.66 21.81
CA ILE D 10 19.03 2.36 21.50
C ILE D 10 17.93 1.30 21.36
N ARG D 11 18.21 0.25 20.60
CA ARG D 11 17.19 -0.82 20.37
C ARG D 11 16.79 -1.45 21.71
N GLN D 12 17.69 -1.64 22.65
CA GLN D 12 17.34 -2.18 24.01
C GLN D 12 16.56 -1.18 24.86
N THR D 13 16.84 0.11 24.80
CA THR D 13 16.27 1.14 25.74
C THR D 13 15.02 1.84 25.14
N SER D 14 14.97 2.03 23.83
CA SER D 14 13.87 2.79 23.18
C SER D 14 12.57 1.99 23.34
N ARG D 15 11.49 2.65 23.76
CA ARG D 15 10.13 2.08 23.71
C ARG D 15 9.33 2.92 22.74
N PRO D 16 9.24 2.50 21.47
CA PRO D 16 8.52 3.25 20.47
C PRO D 16 7.10 3.63 20.91
N ASP D 17 6.46 2.85 21.79
CA ASP D 17 5.04 3.14 22.16
C ASP D 17 4.93 3.99 23.41
N VAL D 18 6.02 4.49 23.97
CA VAL D 18 6.03 5.16 25.30
C VAL D 18 6.57 6.58 25.13
N ILE D 19 5.73 7.56 25.40
CA ILE D 19 6.12 8.98 25.26
C ILE D 19 7.24 9.17 26.28
N PRO D 20 8.41 9.75 25.91
CA PRO D 20 9.53 9.88 26.86
C PRO D 20 9.42 11.09 27.81
N THR D 21 8.38 11.13 28.62
CA THR D 21 8.15 12.24 29.59
C THR D 21 9.22 12.11 30.69
N GLN D 22 9.92 13.21 30.94
CA GLN D 22 11.02 13.33 31.94
C GLN D 22 10.40 14.02 33.14
N ARG D 23 10.36 13.34 34.30
CA ARG D 23 9.92 13.92 35.60
C ARG D 23 8.57 14.61 35.47
N ASP D 24 7.59 13.96 34.82
CA ASP D 24 6.17 14.39 34.69
C ASP D 24 5.96 15.56 33.70
N ARG D 25 7.00 16.01 33.00
CA ARG D 25 6.98 17.20 32.12
C ARG D 25 6.46 16.78 30.75
N PRO D 26 5.75 17.67 30.02
CA PRO D 26 5.42 17.39 28.63
C PRO D 26 6.72 17.25 27.82
N VAL D 27 6.69 16.43 26.77
CA VAL D 27 7.78 16.36 25.76
C VAL D 27 7.63 17.60 24.85
N ALA D 28 8.70 18.37 24.77
CA ALA D 28 8.78 19.62 24.01
C ALA D 28 9.09 19.21 22.57
N VAL D 29 8.10 19.29 21.70
CA VAL D 29 8.32 18.95 20.26
C VAL D 29 8.44 20.28 19.52
N SER D 30 9.55 20.46 18.85
CA SER D 30 9.83 21.64 18.01
C SER D 30 9.55 21.24 16.54
N VAL D 31 8.70 22.02 15.85
CA VAL D 31 8.13 21.78 14.49
C VAL D 31 8.23 23.04 13.65
N SER D 32 8.95 22.96 12.53
CA SER D 32 9.05 23.98 11.46
C SER D 32 8.74 23.34 10.13
N LEU D 33 7.94 23.98 9.28
CA LEU D 33 7.83 23.57 7.86
C LEU D 33 8.75 24.46 7.04
N LYS D 34 9.53 23.87 6.13
CA LYS D 34 10.26 24.55 5.04
C LYS D 34 9.57 24.14 3.74
N PHE D 35 8.88 25.06 3.10
CA PHE D 35 8.13 24.79 1.86
C PHE D 35 9.10 24.61 0.69
N ILE D 36 8.90 23.53 -0.06
CA ILE D 36 9.77 23.16 -1.18
C ILE D 36 9.02 23.36 -2.47
N ASN D 37 7.73 23.08 -2.50
CA ASN D 37 7.02 23.13 -3.78
C ASN D 37 5.52 23.31 -3.53
N ILE D 38 4.84 23.96 -4.45
CA ILE D 38 3.35 24.05 -4.47
C ILE D 38 2.96 23.52 -5.83
N LEU D 39 2.26 22.40 -5.86
CA LEU D 39 2.16 21.53 -7.06
C LEU D 39 0.82 21.79 -7.75
N GLU D 40 -0.24 21.97 -6.97
CA GLU D 40 -1.61 22.10 -7.55
C GLU D 40 -2.37 22.96 -6.55
N VAL D 41 -3.03 23.97 -7.10
CA VAL D 41 -3.92 24.88 -6.35
C VAL D 41 -5.26 24.86 -7.10
N ASN D 42 -6.35 24.79 -6.36
CA ASN D 42 -7.71 24.83 -6.91
C ASN D 42 -8.48 25.90 -6.13
N GLU D 43 -8.69 27.05 -6.77
CA GLU D 43 -9.30 28.24 -6.15
C GLU D 43 -10.81 27.99 -6.00
N ILE D 44 -11.37 27.10 -6.80
CA ILE D 44 -12.81 26.73 -6.70
C ILE D 44 -13.04 25.80 -5.50
N THR D 45 -12.28 24.73 -5.38
CA THR D 45 -12.45 23.73 -4.27
C THR D 45 -11.66 24.20 -3.04
N ASN D 46 -10.80 25.22 -3.14
CA ASN D 46 -9.95 25.64 -1.99
C ASN D 46 -9.10 24.44 -1.50
N GLU D 47 -8.27 23.90 -2.39
CA GLU D 47 -7.37 22.77 -2.07
C GLU D 47 -6.02 23.09 -2.65
N VAL D 48 -4.98 22.73 -1.92
CA VAL D 48 -3.57 22.90 -2.34
C VAL D 48 -2.88 21.54 -2.10
N ASP D 49 -1.93 21.23 -2.96
CA ASP D 49 -1.03 20.07 -2.90
C ASP D 49 0.35 20.68 -2.67
N VAL D 50 0.97 20.43 -1.53
CA VAL D 50 2.32 21.03 -1.23
C VAL D 50 3.36 19.94 -0.88
N VAL D 51 4.62 20.28 -1.10
CA VAL D 51 5.80 19.53 -0.60
C VAL D 51 6.47 20.43 0.43
N PHE D 52 6.70 19.89 1.64
CA PHE D 52 7.45 20.58 2.69
C PHE D 52 8.35 19.60 3.46
N TRP D 53 9.44 20.13 3.97
CA TRP D 53 10.30 19.48 4.97
C TRP D 53 9.75 19.78 6.34
N GLN D 54 9.32 18.78 7.07
CA GLN D 54 8.83 19.01 8.45
C GLN D 54 9.95 18.78 9.45
N ARG D 55 10.72 19.81 9.76
CA ARG D 55 11.79 19.74 10.77
C ARG D 55 11.16 19.50 12.13
N THR D 56 11.42 18.33 12.70
CA THR D 56 10.83 17.89 13.98
C THR D 56 11.97 17.48 14.90
N THR D 57 12.02 18.02 16.11
CA THR D 57 13.03 17.67 17.15
C THR D 57 12.33 17.58 18.50
N TRP D 58 12.85 16.67 19.32
CA TRP D 58 12.44 16.49 20.73
C TRP D 58 13.61 15.81 21.47
N SER D 59 13.47 15.70 22.78
CA SER D 59 14.46 15.01 23.64
C SER D 59 13.89 13.67 24.13
N ASP D 60 14.63 12.58 23.93
CA ASP D 60 14.39 11.31 24.63
C ASP D 60 15.65 10.97 25.43
N ARG D 61 15.67 11.39 26.69
CA ARG D 61 16.92 11.38 27.51
C ARG D 61 17.30 9.93 27.85
N THR D 62 16.37 8.98 27.76
CA THR D 62 16.67 7.54 27.97
C THR D 62 17.62 7.00 26.89
N LEU D 63 17.79 7.67 25.72
CA LEU D 63 18.64 7.20 24.60
C LEU D 63 20.07 7.70 24.74
N ALA D 64 20.35 8.60 25.68
CA ALA D 64 21.63 9.35 25.77
C ALA D 64 22.80 8.37 26.01
N TRP D 65 23.99 8.70 25.50
CA TRP D 65 25.22 7.92 25.77
C TRP D 65 26.41 8.88 25.94
N ASP D 66 27.49 8.36 26.50
CA ASP D 66 28.77 9.08 26.70
C ASP D 66 29.48 9.06 25.34
N SER D 67 29.74 10.23 24.74
CA SER D 67 30.30 10.30 23.37
C SER D 67 31.68 10.95 23.39
N SER D 68 32.32 11.10 24.56
CA SER D 68 33.66 11.70 24.68
C SER D 68 34.65 10.91 23.81
N HIS D 69 34.46 9.58 23.66
CA HIS D 69 35.31 8.69 22.82
C HIS D 69 34.41 7.83 21.89
N SER D 70 33.27 8.34 21.42
CA SER D 70 32.30 7.65 20.54
C SER D 70 31.70 8.64 19.54
N PRO D 71 31.03 8.17 18.45
CA PRO D 71 30.26 9.08 17.58
C PRO D 71 29.19 9.76 18.45
N ASP D 72 28.94 11.06 18.25
CA ASP D 72 27.91 11.74 19.08
C ASP D 72 26.57 11.75 18.35
N GLN D 73 26.48 11.16 17.15
CA GLN D 73 25.19 11.03 16.41
C GLN D 73 25.12 9.73 15.59
N VAL D 74 23.94 9.10 15.56
CA VAL D 74 23.65 8.02 14.60
C VAL D 74 22.30 8.28 13.90
N SER D 75 22.14 7.70 12.71
CA SER D 75 20.87 7.55 11.98
C SER D 75 20.18 6.27 12.46
N VAL D 76 18.90 6.36 12.83
CA VAL D 76 18.09 5.26 13.37
C VAL D 76 16.77 5.24 12.61
N PRO D 77 16.24 4.07 12.20
CA PRO D 77 14.91 4.00 11.64
C PRO D 77 13.89 4.52 12.67
N ILE D 78 12.92 5.32 12.24
CA ILE D 78 11.89 5.84 13.18
C ILE D 78 11.09 4.67 13.79
N SER D 79 10.98 3.52 13.14
CA SER D 79 10.29 2.36 13.75
C SER D 79 10.97 1.94 15.07
N SER D 80 12.24 2.29 15.32
CA SER D 80 12.93 1.98 16.62
C SER D 80 12.73 3.02 17.71
N LEU D 81 12.10 4.16 17.41
CA LEU D 81 12.03 5.34 18.33
C LEU D 81 10.58 5.68 18.59
N TRP D 82 10.28 6.31 19.68
CA TRP D 82 8.98 6.99 19.83
C TRP D 82 9.01 8.23 18.93
N VAL D 83 7.90 8.50 18.25
CA VAL D 83 7.79 9.69 17.36
C VAL D 83 6.48 10.35 17.77
N PRO D 84 6.44 11.68 17.83
CA PRO D 84 5.20 12.38 18.07
C PRO D 84 4.14 12.03 16.99
N ASP D 85 2.89 11.84 17.44
CA ASP D 85 1.69 11.53 16.64
C ASP D 85 1.14 12.84 16.05
N LEU D 86 1.97 13.62 15.34
CA LEU D 86 1.60 14.93 14.77
C LEU D 86 0.65 14.70 13.61
N ALA D 87 -0.42 15.48 13.47
CA ALA D 87 -1.32 15.43 12.28
C ALA D 87 -1.70 16.86 11.91
N ALA D 88 -1.98 17.08 10.64
CA ALA D 88 -2.49 18.35 10.15
C ALA D 88 -3.99 18.26 10.20
N TYR D 89 -4.65 19.10 10.99
CA TYR D 89 -6.11 19.12 11.19
C TYR D 89 -6.85 19.40 9.87
N ASN D 90 -6.26 20.12 8.92
CA ASN D 90 -7.02 20.44 7.70
C ASN D 90 -6.42 19.68 6.52
N ALA D 91 -5.66 18.61 6.76
CA ALA D 91 -5.20 17.69 5.70
C ALA D 91 -6.41 16.99 5.09
N ILE D 92 -6.40 16.77 3.76
CA ILE D 92 -7.48 15.94 3.13
C ILE D 92 -6.87 14.74 2.42
N SER D 93 -5.58 14.50 2.62
CA SER D 93 -4.86 13.27 2.19
C SER D 93 -3.94 12.85 3.31
N LYS D 94 -3.54 11.57 3.32
CA LYS D 94 -2.47 11.06 4.21
C LYS D 94 -1.20 11.79 3.82
N PRO D 95 -0.30 12.09 4.77
CA PRO D 95 1.02 12.60 4.42
C PRO D 95 1.79 11.54 3.61
N GLU D 96 2.32 11.89 2.46
CA GLU D 96 3.13 10.98 1.62
C GLU D 96 4.59 11.33 1.94
N VAL D 97 5.26 10.47 2.69
CA VAL D 97 6.69 10.69 3.07
C VAL D 97 7.54 10.29 1.88
N LEU D 98 8.28 11.23 1.33
CA LEU D 98 9.04 11.04 0.09
C LEU D 98 10.46 10.51 0.40
N THR D 99 10.94 10.63 1.62
CA THR D 99 12.37 10.42 1.98
C THR D 99 12.52 9.20 2.88
N PRO D 100 13.76 8.66 3.05
CA PRO D 100 13.98 7.56 4.00
C PRO D 100 13.50 7.92 5.40
N GLN D 101 12.81 6.99 6.03
CA GLN D 101 12.23 7.16 7.39
C GLN D 101 13.27 6.87 8.49
N LEU D 102 14.28 7.72 8.55
CA LEU D 102 15.41 7.70 9.51
C LEU D 102 15.38 9.00 10.29
N ALA D 103 15.63 8.90 11.59
CA ALA D 103 15.91 10.05 12.48
C ALA D 103 17.39 10.11 12.79
N ARG D 104 17.90 11.27 13.19
CA ARG D 104 19.23 11.42 13.80
C ARG D 104 19.05 11.42 15.33
N VAL D 105 19.79 10.59 16.03
CA VAL D 105 19.82 10.62 17.52
C VAL D 105 21.18 11.12 17.93
N VAL D 106 21.20 12.19 18.71
CA VAL D 106 22.40 12.84 19.28
C VAL D 106 22.66 12.22 20.67
N SER D 107 23.92 12.18 21.12
CA SER D 107 24.35 11.47 22.37
C SER D 107 23.70 12.08 23.62
N ASP D 108 23.22 13.32 23.55
CA ASP D 108 22.46 13.96 24.67
C ASP D 108 20.99 13.50 24.65
N GLY D 109 20.58 12.65 23.71
CA GLY D 109 19.20 12.17 23.60
C GLY D 109 18.30 13.04 22.72
N GLU D 110 18.84 14.01 22.00
CA GLU D 110 18.02 14.82 21.07
C GLU D 110 17.76 13.95 19.81
N VAL D 111 16.52 13.96 19.35
CA VAL D 111 16.10 13.28 18.09
C VAL D 111 15.74 14.35 17.04
N LEU D 112 16.24 14.24 15.82
CA LEU D 112 15.85 15.09 14.66
C LEU D 112 15.26 14.17 13.58
N TYR D 113 14.01 14.41 13.21
CA TYR D 113 13.30 13.76 12.09
C TYR D 113 12.91 14.87 11.09
N VAL D 114 13.32 14.74 9.83
CA VAL D 114 13.00 15.71 8.75
C VAL D 114 12.43 15.00 7.54
N PRO D 115 11.20 14.49 7.61
CA PRO D 115 10.55 13.92 6.43
C PRO D 115 10.19 15.03 5.42
N SER D 116 10.40 14.73 4.16
CA SER D 116 9.86 15.50 3.05
C SER D 116 8.47 14.94 2.80
N ILE D 117 7.47 15.79 2.96
CA ILE D 117 6.05 15.35 2.91
C ILE D 117 5.34 16.04 1.73
N ARG D 118 4.63 15.26 0.96
CA ARG D 118 3.66 15.75 -0.05
C ARG D 118 2.26 15.48 0.52
N GLN D 119 1.48 16.54 0.72
CA GLN D 119 0.13 16.40 1.30
C GLN D 119 -0.82 17.47 0.69
N ARG D 120 -2.11 17.17 0.70
CA ARG D 120 -3.19 18.04 0.21
CA ARG D 120 -3.17 18.06 0.19
C ARG D 120 -3.92 18.60 1.42
N PHE D 121 -4.21 19.89 1.37
CA PHE D 121 -4.92 20.63 2.44
C PHE D 121 -6.16 21.32 1.87
N SER D 122 -7.16 21.43 2.72
CA SER D 122 -8.33 22.31 2.57
C SER D 122 -7.97 23.63 3.24
N CYS D 123 -7.83 24.70 2.48
CA CYS D 123 -7.45 26.02 3.06
C CYS D 123 -7.82 27.17 2.09
N ASP D 124 -7.62 28.38 2.54
CA ASP D 124 -8.02 29.59 1.78
C ASP D 124 -7.07 29.81 0.60
N VAL D 125 -7.56 29.51 -0.60
CA VAL D 125 -6.81 29.74 -1.86
C VAL D 125 -7.28 31.04 -2.53
N SER D 126 -8.27 31.76 -1.99
CA SER D 126 -8.73 33.01 -2.63
C SER D 126 -7.59 34.02 -2.65
N GLY D 127 -7.39 34.68 -3.80
CA GLY D 127 -6.33 35.71 -3.94
C GLY D 127 -5.06 35.16 -4.53
N VAL D 128 -4.97 33.84 -4.83
CA VAL D 128 -3.70 33.23 -5.31
C VAL D 128 -3.24 33.94 -6.59
N ASP D 129 -4.17 34.34 -7.45
CA ASP D 129 -3.90 34.97 -8.76
C ASP D 129 -3.84 36.52 -8.65
N THR D 130 -3.66 37.08 -7.46
CA THR D 130 -3.51 38.53 -7.19
C THR D 130 -2.12 38.80 -6.61
N GLU D 131 -1.80 40.08 -6.47
CA GLU D 131 -0.46 40.57 -6.08
C GLU D 131 -0.18 40.24 -4.61
N SER D 132 -1.18 40.28 -3.77
CA SER D 132 -1.00 40.10 -2.31
C SER D 132 -1.12 38.59 -1.99
N GLY D 133 -1.66 37.80 -2.91
CA GLY D 133 -1.62 36.33 -2.89
C GLY D 133 -2.68 35.71 -2.03
N ALA D 134 -2.68 34.37 -1.92
CA ALA D 134 -3.50 33.61 -0.94
C ALA D 134 -2.72 33.43 0.35
N THR D 135 -3.45 33.25 1.45
CA THR D 135 -2.89 32.77 2.73
C THR D 135 -3.56 31.44 3.08
N CYS D 136 -2.81 30.36 2.96
CA CYS D 136 -3.23 28.99 3.33
C CYS D 136 -2.68 28.68 4.75
N ARG D 137 -3.55 28.39 5.69
CA ARG D 137 -3.21 28.11 7.11
C ARG D 137 -3.22 26.57 7.30
N ILE D 138 -2.11 26.00 7.73
CA ILE D 138 -1.95 24.55 8.01
C ILE D 138 -1.75 24.35 9.51
N LYS D 139 -2.69 23.70 10.18
CA LYS D 139 -2.71 23.51 11.66
C LYS D 139 -2.13 22.12 11.94
N ILE D 140 -0.97 22.02 12.60
CA ILE D 140 -0.33 20.70 12.91
C ILE D 140 -0.18 20.58 14.43
N GLY D 141 -0.78 19.57 15.04
CA GLY D 141 -0.56 19.22 16.46
C GLY D 141 -0.54 17.73 16.73
N SER D 142 -0.33 17.34 17.97
CA SER D 142 -0.52 15.96 18.44
C SER D 142 -2.00 15.62 18.31
N TRP D 143 -2.32 14.46 17.78
CA TRP D 143 -3.71 13.97 17.65
C TRP D 143 -4.23 13.52 19.02
N THR D 144 -3.40 12.84 19.83
CA THR D 144 -3.92 12.13 21.04
C THR D 144 -3.32 12.66 22.35
N HIS D 145 -2.24 13.45 22.33
CA HIS D 145 -1.54 13.91 23.54
C HIS D 145 -1.88 15.38 23.82
N HIS D 146 -2.55 15.69 24.93
CA HIS D 146 -2.87 17.08 25.35
C HIS D 146 -1.60 17.77 25.88
N SER D 147 -1.72 19.05 26.22
CA SER D 147 -0.62 20.01 26.52
C SER D 147 0.24 19.53 27.72
N ARG D 148 -0.29 18.73 28.62
CA ARG D 148 0.51 18.23 29.77
C ARG D 148 1.44 17.10 29.31
N GLU D 149 1.21 16.53 28.11
CA GLU D 149 2.03 15.40 27.58
C GLU D 149 2.88 15.82 26.39
N ILE D 150 2.35 16.62 25.48
CA ILE D 150 3.17 17.18 24.37
C ILE D 150 2.92 18.68 24.32
N SER D 151 4.00 19.41 24.20
CA SER D 151 3.97 20.84 23.86
C SER D 151 4.60 20.96 22.48
N VAL D 152 4.00 21.78 21.64
CA VAL D 152 4.48 22.06 20.27
C VAL D 152 5.00 23.49 20.21
N ASP D 153 6.21 23.63 19.70
CA ASP D 153 7.03 24.86 19.74
C ASP D 153 7.46 25.19 18.30
N PRO D 154 7.10 26.34 17.71
CA PRO D 154 7.68 26.74 16.42
C PRO D 154 9.06 27.40 16.53
N THR D 155 9.79 27.61 15.43
CA THR D 155 11.05 28.42 15.37
C THR D 155 10.89 29.52 14.34
N ASP D 161 12.26 32.18 4.18
CA ASP D 161 10.99 31.42 4.00
C ASP D 161 11.05 30.56 2.72
N SER D 162 11.75 31.02 1.69
CA SER D 162 11.82 30.33 0.38
C SER D 162 13.27 30.00 0.02
N GLU D 163 14.15 29.94 1.01
CA GLU D 163 15.56 29.48 0.85
C GLU D 163 15.62 28.14 0.10
N TYR D 164 14.65 27.23 0.26
CA TYR D 164 14.69 25.88 -0.34
C TYR D 164 13.50 25.68 -1.31
N PHE D 165 12.69 26.73 -1.51
CA PHE D 165 11.49 26.65 -2.38
C PHE D 165 11.94 26.54 -3.84
N SER D 166 11.37 25.61 -4.61
CA SER D 166 11.77 25.36 -6.01
C SER D 166 11.62 26.65 -6.83
N GLN D 167 12.67 27.07 -7.54
CA GLN D 167 12.58 28.23 -8.46
C GLN D 167 11.69 27.88 -9.66
N TYR D 168 11.34 26.62 -9.85
CA TYR D 168 10.62 26.12 -11.04
C TYR D 168 9.12 25.90 -10.78
N SER D 169 8.65 26.06 -9.55
CA SER D 169 7.21 26.13 -9.22
C SER D 169 6.58 27.27 -10.06
N ARG D 170 5.32 27.14 -10.46
CA ARG D 170 4.51 28.24 -11.04
C ARG D 170 4.18 29.25 -9.94
N PHE D 171 4.41 28.92 -8.65
CA PHE D 171 4.04 29.82 -7.53
C PHE D 171 5.34 30.33 -6.89
N GLU D 172 5.22 31.33 -6.04
CA GLU D 172 6.35 31.90 -5.25
C GLU D 172 5.80 32.26 -3.89
N ILE D 173 6.66 32.26 -2.88
CA ILE D 173 6.26 32.48 -1.47
C ILE D 173 6.50 33.97 -1.19
N LEU D 174 5.52 34.63 -0.60
CA LEU D 174 5.64 36.04 -0.12
C LEU D 174 6.06 36.04 1.33
N ASP D 175 5.54 35.11 2.13
CA ASP D 175 5.76 35.09 3.60
C ASP D 175 5.30 33.72 4.17
N VAL D 176 6.01 33.22 5.18
CA VAL D 176 5.58 32.09 6.05
C VAL D 176 5.64 32.59 7.49
N THR D 177 4.53 32.56 8.23
CA THR D 177 4.53 32.79 9.70
C THR D 177 4.14 31.48 10.39
N GLN D 178 4.75 31.18 11.52
CA GLN D 178 4.52 29.96 12.35
C GLN D 178 4.15 30.45 13.76
N LYS D 179 2.89 30.35 14.17
CA LYS D 179 2.37 30.82 15.47
C LYS D 179 1.86 29.62 16.29
N LYS D 180 2.26 29.53 17.56
CA LYS D 180 1.68 28.56 18.50
C LYS D 180 0.19 28.86 18.72
N ASN D 181 -0.61 27.83 18.97
CA ASN D 181 -2.06 27.96 19.28
C ASN D 181 -2.49 26.67 19.97
N SER D 182 -3.77 26.51 20.30
CA SER D 182 -4.30 25.28 20.93
C SER D 182 -5.77 25.10 20.59
N VAL D 183 -6.24 23.86 20.66
CA VAL D 183 -7.64 23.43 20.46
C VAL D 183 -8.07 22.79 21.78
N THR D 184 -9.36 22.96 22.10
CA THR D 184 -10.01 22.38 23.31
C THR D 184 -11.39 21.88 22.87
N TYR D 185 -11.83 20.73 23.35
CA TYR D 185 -13.11 20.07 23.00
C TYR D 185 -14.07 20.25 24.18
N SER D 186 -15.33 20.64 23.90
CA SER D 186 -16.44 20.83 24.87
C SER D 186 -16.37 19.83 26.02
N CYS D 187 -16.25 18.53 25.69
CA CYS D 187 -16.27 17.38 26.65
C CYS D 187 -15.35 17.66 27.86
N CYS D 188 -14.13 18.13 27.64
CA CYS D 188 -12.97 17.88 28.54
C CYS D 188 -12.18 19.18 28.73
N PRO D 189 -11.45 19.34 29.87
CA PRO D 189 -10.62 20.54 30.09
C PRO D 189 -9.30 20.53 29.31
N GLU D 190 -8.93 19.40 28.73
CA GLU D 190 -7.63 19.14 28.03
C GLU D 190 -7.49 20.11 26.86
N ALA D 191 -6.33 20.73 26.73
CA ALA D 191 -5.90 21.53 25.56
C ALA D 191 -4.83 20.78 24.75
N TYR D 192 -5.02 20.71 23.43
CA TYR D 192 -4.07 20.12 22.47
C TYR D 192 -3.39 21.29 21.76
N GLU D 193 -2.07 21.34 21.83
CA GLU D 193 -1.24 22.40 21.24
C GLU D 193 -1.11 22.13 19.74
N ASP D 194 -1.11 23.20 18.95
CA ASP D 194 -0.81 23.10 17.50
C ASP D 194 0.13 24.25 17.12
N VAL D 195 0.82 24.10 16.01
CA VAL D 195 1.42 25.22 15.24
C VAL D 195 0.49 25.50 14.06
N GLU D 196 0.07 26.76 13.95
CA GLU D 196 -0.60 27.32 12.75
C GLU D 196 0.49 27.86 11.83
N VAL D 197 0.62 27.29 10.64
CA VAL D 197 1.61 27.77 9.64
C VAL D 197 0.82 28.49 8.56
N SER D 198 1.15 29.75 8.32
CA SER D 198 0.47 30.66 7.36
C SER D 198 1.38 30.83 6.15
N LEU D 199 1.02 30.18 5.06
CA LEU D 199 1.77 30.22 3.79
C LEU D 199 1.08 31.28 2.92
N ASN D 200 1.68 32.45 2.81
CA ASN D 200 1.26 33.55 1.89
C ASN D 200 2.01 33.32 0.58
N PHE D 201 1.30 32.97 -0.48
CA PHE D 201 1.95 32.69 -1.80
C PHE D 201 1.09 33.25 -2.95
N ARG D 202 1.64 33.32 -4.16
CA ARG D 202 0.79 33.65 -5.31
C ARG D 202 1.36 33.02 -6.58
N LYS D 203 0.55 33.01 -7.65
CA LYS D 203 1.02 32.63 -9.00
C LYS D 203 2.04 33.66 -9.43
N LYS D 204 3.08 33.29 -10.18
CA LYS D 204 4.21 34.22 -10.45
C LYS D 204 3.80 35.43 -11.33
N ALA E 1 3.47 2.93 39.37
CA ALA E 1 3.42 2.53 37.93
C ALA E 1 3.48 3.79 37.03
N ASP E 2 4.44 3.84 36.11
CA ASP E 2 4.64 4.93 35.11
C ASP E 2 4.02 4.53 33.76
N ARG E 3 4.18 5.35 32.72
CA ARG E 3 3.54 5.12 31.41
C ARG E 3 4.00 3.78 30.83
N ALA E 4 5.30 3.52 30.90
CA ALA E 4 5.91 2.29 30.32
C ALA E 4 5.26 1.03 30.93
N ASP E 5 5.01 1.04 32.24
CA ASP E 5 4.35 -0.06 32.98
C ASP E 5 2.91 -0.20 32.54
N ILE E 6 2.16 0.89 32.41
CA ILE E 6 0.76 0.82 31.89
C ILE E 6 0.76 0.16 30.50
N LEU E 7 1.66 0.57 29.62
CA LEU E 7 1.67 0.05 28.22
C LEU E 7 2.15 -1.41 28.22
N TYR E 8 3.16 -1.73 29.04
CA TYR E 8 3.59 -3.14 29.26
C TYR E 8 2.43 -4.03 29.69
N ASN E 9 1.66 -3.56 30.65
CA ASN E 9 0.49 -4.32 31.17
C ASN E 9 -0.60 -4.45 30.10
N ILE E 10 -0.93 -3.38 29.36
CA ILE E 10 -1.91 -3.48 28.23
C ILE E 10 -1.42 -4.54 27.25
N ARG E 11 -0.16 -4.50 26.87
CA ARG E 11 0.41 -5.47 25.92
C ARG E 11 0.24 -6.90 26.49
N GLN E 12 0.40 -7.13 27.80
CA GLN E 12 0.20 -8.48 28.39
C GLN E 12 -1.29 -8.88 28.45
N THR E 13 -2.23 -7.96 28.68
CA THR E 13 -3.65 -8.36 28.99
C THR E 13 -4.56 -8.18 27.76
N SER E 14 -4.30 -7.20 26.90
CA SER E 14 -5.20 -6.88 25.74
C SER E 14 -5.22 -8.08 24.80
N ARG E 15 -6.41 -8.47 24.35
CA ARG E 15 -6.55 -9.54 23.32
C ARG E 15 -7.16 -8.89 22.10
N PRO E 16 -6.36 -8.33 21.17
CA PRO E 16 -6.91 -7.57 20.04
C PRO E 16 -8.00 -8.33 19.26
N ASP E 17 -7.97 -9.66 19.28
CA ASP E 17 -8.85 -10.50 18.42
C ASP E 17 -10.05 -10.98 19.22
N VAL E 18 -10.22 -10.51 20.47
CA VAL E 18 -11.29 -11.04 21.38
C VAL E 18 -12.19 -9.88 21.80
N ILE E 19 -13.45 -9.94 21.43
CA ILE E 19 -14.41 -8.89 21.84
C ILE E 19 -14.44 -8.91 23.37
N PRO E 20 -14.29 -7.76 24.08
CA PRO E 20 -14.33 -7.75 25.54
C PRO E 20 -15.73 -7.78 26.15
N THR E 21 -16.57 -8.78 25.80
CA THR E 21 -17.92 -8.93 26.39
C THR E 21 -17.73 -9.32 27.85
N GLN E 22 -18.46 -8.65 28.72
CA GLN E 22 -18.57 -8.96 30.18
C GLN E 22 -19.81 -9.85 30.36
N ARG E 23 -19.62 -11.09 30.83
CA ARG E 23 -20.62 -12.18 30.81
C ARG E 23 -21.22 -12.24 29.40
N ASP E 24 -22.51 -12.45 29.23
CA ASP E 24 -23.12 -12.47 27.87
C ASP E 24 -23.65 -11.08 27.48
N ARG E 25 -23.14 -9.99 28.05
CA ARG E 25 -23.62 -8.61 27.72
C ARG E 25 -22.89 -8.08 26.49
N PRO E 26 -23.60 -7.41 25.56
CA PRO E 26 -22.94 -6.81 24.41
C PRO E 26 -21.94 -5.74 24.88
N VAL E 27 -20.90 -5.49 24.07
CA VAL E 27 -20.04 -4.29 24.22
C VAL E 27 -20.82 -3.08 23.68
N ALA E 28 -20.97 -2.06 24.52
CA ALA E 28 -21.69 -0.82 24.22
C ALA E 28 -20.71 0.11 23.49
N VAL E 29 -20.84 0.23 22.19
CA VAL E 29 -19.98 1.11 21.37
C VAL E 29 -20.74 2.40 21.09
N SER E 30 -20.19 3.51 21.50
CA SER E 30 -20.68 4.86 21.16
C SER E 30 -19.95 5.39 19.92
N VAL E 31 -20.71 5.87 18.94
CA VAL E 31 -20.25 6.36 17.61
C VAL E 31 -20.97 7.68 17.27
N SER E 32 -20.22 8.74 17.04
CA SER E 32 -20.63 10.10 16.59
C SER E 32 -19.77 10.49 15.39
N LEU E 33 -20.35 10.97 14.29
CA LEU E 33 -19.55 11.63 13.25
C LEU E 33 -19.58 13.15 13.48
N LYS E 34 -18.41 13.80 13.44
CA LYS E 34 -18.28 15.27 13.30
C LYS E 34 -17.75 15.50 11.87
N PHE E 35 -18.56 16.12 11.03
CA PHE E 35 -18.20 16.44 9.63
C PHE E 35 -17.20 17.59 9.62
N ILE E 36 -16.12 17.38 8.88
CA ILE E 36 -15.01 18.36 8.79
C ILE E 36 -15.03 18.96 7.38
N ASN E 37 -15.36 18.17 6.37
CA ASN E 37 -15.28 18.70 4.99
C ASN E 37 -16.18 17.88 4.07
N ILE E 38 -16.67 18.52 3.03
CA ILE E 38 -17.41 17.84 1.93
C ILE E 38 -16.65 18.27 0.70
N LEU E 39 -16.00 17.33 0.02
CA LEU E 39 -14.93 17.62 -0.96
C LEU E 39 -15.52 17.56 -2.36
N GLU E 40 -16.37 16.58 -2.65
CA GLU E 40 -16.85 16.28 -4.03
C GLU E 40 -18.25 15.73 -3.84
N VAL E 41 -19.17 16.24 -4.61
CA VAL E 41 -20.59 15.82 -4.68
C VAL E 41 -20.93 15.66 -6.15
N ASN E 42 -21.59 14.58 -6.52
CA ASN E 42 -21.98 14.29 -7.91
C ASN E 42 -23.48 13.97 -7.89
N GLU E 43 -24.27 14.93 -8.39
CA GLU E 43 -25.75 14.92 -8.41
C GLU E 43 -26.23 13.79 -9.35
N ILE E 44 -25.45 13.53 -10.39
CA ILE E 44 -25.77 12.55 -11.45
C ILE E 44 -25.52 11.13 -10.93
N THR E 45 -24.34 10.87 -10.35
CA THR E 45 -24.00 9.53 -9.82
C THR E 45 -24.50 9.38 -8.39
N ASN E 46 -24.95 10.45 -7.72
CA ASN E 46 -25.36 10.34 -6.29
C ASN E 46 -24.19 9.80 -5.43
N GLU E 47 -23.05 10.49 -5.46
CA GLU E 47 -21.86 10.08 -4.68
C GLU E 47 -21.30 11.32 -4.02
N VAL E 48 -20.86 11.17 -2.77
CA VAL E 48 -20.23 12.27 -1.99
C VAL E 48 -18.89 11.75 -1.46
N ASP E 49 -17.92 12.64 -1.38
CA ASP E 49 -16.57 12.41 -0.81
C ASP E 49 -16.52 13.31 0.42
N VAL E 50 -16.45 12.75 1.63
CA VAL E 50 -16.45 13.53 2.89
C VAL E 50 -15.24 13.20 3.78
N VAL E 51 -14.91 14.13 4.65
CA VAL E 51 -13.94 13.98 5.76
C VAL E 51 -14.73 14.14 7.05
N PHE E 52 -14.65 13.16 7.94
CA PHE E 52 -15.31 13.19 9.27
C PHE E 52 -14.38 12.57 10.34
N TRP E 53 -14.55 13.09 11.54
CA TRP E 53 -14.03 12.52 12.80
C TRP E 53 -15.04 11.48 13.25
N GLN E 54 -14.64 10.22 13.36
CA GLN E 54 -15.54 9.18 13.90
C GLN E 54 -15.20 9.00 15.37
N ARG E 55 -15.87 9.74 16.25
CA ARG E 55 -15.71 9.57 17.72
C ARG E 55 -16.25 8.21 18.12
N THR E 56 -15.37 7.33 18.57
CA THR E 56 -15.72 5.94 18.92
C THR E 56 -15.23 5.68 20.35
N THR E 57 -16.10 5.20 21.22
CA THR E 57 -15.78 4.87 22.63
C THR E 57 -16.46 3.57 23.02
N TRP E 58 -15.77 2.78 23.83
CA TRP E 58 -16.30 1.55 24.43
C TRP E 58 -15.49 1.28 25.70
N SER E 59 -15.92 0.28 26.44
CA SER E 59 -15.28 -0.15 27.69
C SER E 59 -14.60 -1.51 27.45
N ASP E 60 -13.32 -1.63 27.78
CA ASP E 60 -12.61 -2.94 27.87
C ASP E 60 -12.05 -3.01 29.28
N ARG E 61 -12.80 -3.62 30.20
CA ARG E 61 -12.49 -3.52 31.66
C ARG E 61 -11.23 -4.34 31.97
N THR E 62 -10.81 -5.25 31.09
CA THR E 62 -9.55 -6.04 31.26
C THR E 62 -8.32 -5.11 31.21
N LEU E 63 -8.43 -3.89 30.66
CA LEU E 63 -7.30 -2.94 30.51
C LEU E 63 -7.14 -2.04 31.74
N ALA E 64 -8.06 -2.08 32.68
CA ALA E 64 -8.17 -1.05 33.76
C ALA E 64 -6.96 -1.17 34.69
N TRP E 65 -6.55 -0.06 35.31
CA TRP E 65 -5.45 -0.07 36.31
C TRP E 65 -5.78 0.94 37.42
N ASP E 66 -5.04 0.81 38.53
CA ASP E 66 -5.11 1.72 39.69
C ASP E 66 -4.31 2.97 39.32
N SER E 67 -4.93 4.15 39.23
CA SER E 67 -4.24 5.37 38.78
C SER E 67 -4.14 6.41 39.90
N SER E 68 -4.37 6.02 41.16
CA SER E 68 -4.25 6.95 42.33
C SER E 68 -2.84 7.52 42.39
N HIS E 69 -1.80 6.75 41.97
CA HIS E 69 -0.39 7.18 41.90
C HIS E 69 0.22 6.97 40.50
N SER E 70 -0.57 6.95 39.42
CA SER E 70 -0.07 6.82 38.01
C SER E 70 -0.87 7.67 37.05
N PRO E 71 -0.44 7.87 35.78
CA PRO E 71 -1.26 8.53 34.77
C PRO E 71 -2.56 7.76 34.63
N ASP E 72 -3.67 8.46 34.46
CA ASP E 72 -5.00 7.81 34.31
C ASP E 72 -5.35 7.65 32.83
N GLN E 73 -4.47 8.07 31.91
CA GLN E 73 -4.68 7.85 30.45
C GLN E 73 -3.35 7.65 29.73
N VAL E 74 -3.35 6.74 28.77
CA VAL E 74 -2.20 6.57 27.83
C VAL E 74 -2.74 6.50 26.39
N SER E 75 -1.88 6.85 25.44
CA SER E 75 -2.07 6.61 23.98
C SER E 75 -1.50 5.25 23.63
N VAL E 76 -2.26 4.41 22.96
CA VAL E 76 -1.88 3.05 22.55
C VAL E 76 -2.19 2.86 21.06
N PRO E 77 -1.30 2.21 20.29
CA PRO E 77 -1.62 1.83 18.92
C PRO E 77 -2.85 0.93 18.91
N ILE E 78 -3.78 1.15 17.97
CA ILE E 78 -5.00 0.30 17.90
C ILE E 78 -4.61 -1.16 17.59
N SER E 79 -3.46 -1.43 16.99
CA SER E 79 -3.06 -2.83 16.71
C SER E 79 -2.86 -3.59 18.04
N SER E 80 -2.67 -2.91 19.18
CA SER E 80 -2.55 -3.54 20.51
C SER E 80 -3.88 -3.73 21.23
N LEU E 81 -5.01 -3.28 20.67
CA LEU E 81 -6.33 -3.23 21.36
C LEU E 81 -7.35 -3.97 20.52
N TRP E 82 -8.43 -4.44 21.12
CA TRP E 82 -9.60 -4.84 20.33
C TRP E 82 -10.29 -3.56 19.89
N VAL E 83 -10.77 -3.53 18.64
CA VAL E 83 -11.48 -2.36 18.08
C VAL E 83 -12.73 -2.93 17.44
N PRO E 84 -13.89 -2.27 17.59
CA PRO E 84 -15.10 -2.69 16.91
C PRO E 84 -14.87 -2.75 15.39
N ASP E 85 -15.42 -3.76 14.73
CA ASP E 85 -15.38 -3.99 13.27
C ASP E 85 -16.49 -3.15 12.62
N LEU E 86 -16.51 -1.84 12.87
CA LEU E 86 -17.54 -0.93 12.34
C LEU E 86 -17.31 -0.75 10.86
N ALA E 87 -18.36 -0.70 10.04
CA ALA E 87 -18.25 -0.46 8.57
C ALA E 87 -19.42 0.40 8.14
N ALA E 88 -19.22 1.16 7.08
CA ALA E 88 -20.33 1.97 6.53
C ALA E 88 -20.94 1.13 5.42
N TYR E 89 -22.21 0.74 5.56
CA TYR E 89 -22.94 -0.12 4.59
C TYR E 89 -23.02 0.55 3.21
N ASN E 90 -23.01 1.89 3.10
CA ASN E 90 -23.17 2.50 1.76
C ASN E 90 -21.86 3.13 1.33
N ALA E 91 -20.72 2.76 1.96
CA ALA E 91 -19.39 3.22 1.49
C ALA E 91 -19.15 2.66 0.09
N ILE E 92 -18.46 3.38 -0.79
CA ILE E 92 -18.01 2.83 -2.09
C ILE E 92 -16.51 3.00 -2.26
N SER E 93 -15.81 3.38 -1.21
CA SER E 93 -14.33 3.39 -1.16
C SER E 93 -13.92 2.91 0.23
N LYS E 94 -12.69 2.44 0.36
CA LYS E 94 -12.10 2.04 1.65
C LYS E 94 -12.06 3.27 2.52
N PRO E 95 -12.28 3.17 3.85
CA PRO E 95 -12.07 4.32 4.71
C PRO E 95 -10.59 4.73 4.71
N GLU E 96 -10.23 5.96 4.34
CA GLU E 96 -8.82 6.43 4.32
C GLU E 96 -8.63 7.14 5.66
N VAL E 97 -7.90 6.51 6.58
CA VAL E 97 -7.64 7.09 7.93
C VAL E 97 -6.51 8.06 7.75
N LEU E 98 -6.74 9.34 8.04
CA LEU E 98 -5.77 10.40 7.74
C LEU E 98 -4.85 10.60 8.94
N THR E 99 -5.20 10.11 10.13
CA THR E 99 -4.53 10.48 11.39
C THR E 99 -3.84 9.27 11.99
N PRO E 100 -2.91 9.48 12.94
CA PRO E 100 -2.20 8.37 13.58
C PRO E 100 -3.20 7.41 14.24
N GLN E 101 -2.97 6.11 14.06
CA GLN E 101 -3.90 5.06 14.52
C GLN E 101 -3.62 4.68 15.98
N LEU E 102 -3.87 5.65 16.87
CA LEU E 102 -3.69 5.58 18.34
C LEU E 102 -5.07 5.77 18.96
N ALA E 103 -5.35 4.98 19.98
CA ALA E 103 -6.49 5.20 20.89
C ALA E 103 -5.97 5.77 22.22
N ARG E 104 -6.83 6.41 22.98
CA ARG E 104 -6.59 6.73 24.40
C ARG E 104 -7.25 5.64 25.25
N VAL E 105 -6.51 5.07 26.18
CA VAL E 105 -7.06 4.13 27.18
C VAL E 105 -7.04 4.84 28.52
N VAL E 106 -8.21 4.90 29.15
CA VAL E 106 -8.43 5.51 30.49
C VAL E 106 -8.29 4.40 31.54
N SER E 107 -7.86 4.73 32.77
CA SER E 107 -7.55 3.73 33.84
C SER E 107 -8.78 2.91 34.25
N ASP E 108 -10.00 3.39 33.97
CA ASP E 108 -11.25 2.63 34.22
C ASP E 108 -11.52 1.66 33.07
N GLY E 109 -10.67 1.62 32.04
CA GLY E 109 -10.83 0.69 30.89
C GLY E 109 -11.63 1.29 29.73
N GLU E 110 -11.92 2.59 29.76
CA GLU E 110 -12.61 3.22 28.62
C GLU E 110 -11.55 3.44 27.52
N VAL E 111 -11.92 3.14 26.28
CA VAL E 111 -11.09 3.37 25.07
C VAL E 111 -11.76 4.47 24.22
N LEU E 112 -11.00 5.48 23.79
CA LEU E 112 -11.47 6.54 22.85
C LEU E 112 -10.61 6.45 21.59
N TYR E 113 -11.22 6.18 20.44
CA TYR E 113 -10.56 6.18 19.11
C TYR E 113 -11.29 7.24 18.25
N VAL E 114 -10.54 8.18 17.70
CA VAL E 114 -11.10 9.30 16.87
C VAL E 114 -10.32 9.43 15.58
N PRO E 115 -10.49 8.47 14.65
CA PRO E 115 -9.86 8.62 13.34
C PRO E 115 -10.57 9.73 12.54
N SER E 116 -9.77 10.48 11.82
CA SER E 116 -10.22 11.38 10.76
C SER E 116 -10.25 10.53 9.51
N ILE E 117 -11.45 10.36 8.94
CA ILE E 117 -11.67 9.47 7.78
C ILE E 117 -12.12 10.28 6.58
N ARG E 118 -11.48 10.03 5.45
CA ARG E 118 -11.94 10.46 4.12
C ARG E 118 -12.51 9.23 3.42
N GLN E 119 -13.78 9.31 3.03
CA GLN E 119 -14.48 8.17 2.38
C GLN E 119 -15.55 8.70 1.40
N ARG E 120 -15.84 7.91 0.38
CA ARG E 120 -16.87 8.14 -0.65
C ARG E 120 -18.09 7.26 -0.33
N PHE E 121 -19.29 7.83 -0.45
CA PHE E 121 -20.57 7.18 -0.15
C PHE E 121 -21.51 7.28 -1.35
N SER E 122 -22.35 6.27 -1.49
CA SER E 122 -23.52 6.29 -2.41
C SER E 122 -24.70 6.72 -1.56
N CYS E 123 -25.23 7.91 -1.81
CA CYS E 123 -26.37 8.42 -1.02
C CYS E 123 -27.14 9.53 -1.78
N ASP E 124 -28.24 9.97 -1.20
CA ASP E 124 -29.17 10.88 -1.92
C ASP E 124 -28.58 12.28 -1.99
N VAL E 125 -28.13 12.66 -3.18
CA VAL E 125 -27.58 14.03 -3.40
C VAL E 125 -28.66 14.91 -4.06
N SER E 126 -29.87 14.41 -4.33
CA SER E 126 -30.92 15.28 -4.92
C SER E 126 -31.27 16.43 -3.94
N GLY E 127 -31.34 17.65 -4.47
CA GLY E 127 -31.66 18.90 -3.76
C GLY E 127 -30.40 19.62 -3.29
N VAL E 128 -29.18 19.10 -3.57
CA VAL E 128 -27.93 19.70 -3.01
C VAL E 128 -27.80 21.17 -3.41
N ASP E 129 -28.22 21.51 -4.62
CA ASP E 129 -28.06 22.89 -5.21
C ASP E 129 -29.30 23.77 -4.88
N THR E 130 -30.17 23.37 -3.94
CA THR E 130 -31.36 24.13 -3.50
C THR E 130 -31.17 24.57 -2.03
N GLU E 131 -32.08 25.38 -1.55
CA GLU E 131 -32.05 26.04 -0.23
C GLU E 131 -32.24 25.01 0.88
N SER E 132 -33.05 23.98 0.64
CA SER E 132 -33.40 23.01 1.69
C SER E 132 -32.36 21.87 1.68
N GLY E 133 -31.60 21.75 0.57
CA GLY E 133 -30.34 20.98 0.46
C GLY E 133 -30.61 19.52 0.20
N ALA E 134 -29.58 18.67 0.14
CA ALA E 134 -29.71 17.19 0.12
C ALA E 134 -29.66 16.64 1.54
N THR E 135 -30.17 15.42 1.71
CA THR E 135 -30.01 14.59 2.91
C THR E 135 -29.32 13.28 2.49
N CYS E 136 -28.06 13.15 2.87
CA CYS E 136 -27.22 11.95 2.63
C CYS E 136 -27.20 11.12 3.92
N ARG E 137 -27.67 9.89 3.86
CA ARG E 137 -27.79 8.96 5.02
C ARG E 137 -26.59 8.00 4.98
N ILE E 138 -25.79 7.98 6.03
CA ILE E 138 -24.61 7.07 6.17
C ILE E 138 -24.92 6.05 7.28
N LYS E 139 -25.01 4.77 6.96
CA LYS E 139 -25.29 3.67 7.91
C LYS E 139 -23.95 3.05 8.37
N ILE E 140 -23.59 3.17 9.65
CA ILE E 140 -22.34 2.58 10.21
C ILE E 140 -22.72 1.60 11.32
N GLY E 141 -22.31 0.33 11.20
CA GLY E 141 -22.47 -0.64 12.29
C GLY E 141 -21.45 -1.75 12.25
N SER E 142 -21.52 -2.70 13.19
CA SER E 142 -20.61 -3.87 13.18
C SER E 142 -20.91 -4.68 11.93
N TRP E 143 -19.89 -5.10 11.22
CA TRP E 143 -20.03 -6.00 10.05
C TRP E 143 -20.38 -7.42 10.51
N THR E 144 -19.76 -7.93 11.59
CA THR E 144 -19.80 -9.40 11.89
C THR E 144 -20.43 -9.70 13.26
N HIS E 145 -20.63 -8.71 14.13
CA HIS E 145 -21.14 -8.90 15.51
C HIS E 145 -22.61 -8.45 15.56
N HIS E 146 -23.54 -9.36 15.83
CA HIS E 146 -24.97 -9.01 15.99
C HIS E 146 -25.19 -8.33 17.36
N SER E 147 -26.42 -7.89 17.60
CA SER E 147 -26.85 -7.01 18.72
C SER E 147 -26.54 -7.62 20.10
N ARG E 148 -26.45 -8.94 20.21
CA ARG E 148 -26.11 -9.57 21.52
C ARG E 148 -24.61 -9.41 21.82
N GLU E 149 -23.78 -9.06 20.83
CA GLU E 149 -22.31 -8.94 20.99
C GLU E 149 -21.86 -7.48 20.90
N ILE E 150 -22.42 -6.69 19.97
CA ILE E 150 -22.11 -5.25 19.96
C ILE E 150 -23.43 -4.49 19.85
N SER E 151 -23.55 -3.48 20.68
CA SER E 151 -24.67 -2.52 20.59
C SER E 151 -24.03 -1.18 20.23
N VAL E 152 -24.69 -0.46 19.34
CA VAL E 152 -24.18 0.82 18.77
C VAL E 152 -25.10 1.91 19.23
N ASP E 153 -24.52 2.96 19.80
CA ASP E 153 -25.24 4.03 20.54
C ASP E 153 -24.76 5.37 19.96
N PRO E 154 -25.63 6.24 19.39
CA PRO E 154 -25.21 7.61 19.05
C PRO E 154 -25.16 8.57 20.24
N THR E 155 -24.66 9.80 20.08
CA THR E 155 -24.85 10.92 21.07
C THR E 155 -25.61 12.07 20.42
N ASP E 160 -24.29 21.36 17.87
CA ASP E 160 -23.49 22.30 17.04
C ASP E 160 -22.73 21.56 15.92
N ASP E 161 -23.46 21.24 14.86
CA ASP E 161 -23.15 20.20 13.85
C ASP E 161 -21.96 20.61 12.97
N SER E 162 -21.68 21.90 12.84
CA SER E 162 -20.60 22.42 11.97
C SER E 162 -19.55 23.19 12.79
N GLU E 163 -19.48 22.93 14.09
CA GLU E 163 -18.43 23.47 14.99
C GLU E 163 -17.02 23.24 14.40
N TYR E 164 -16.77 22.13 13.71
CA TYR E 164 -15.42 21.78 13.18
C TYR E 164 -15.37 21.76 11.64
N PHE E 165 -16.48 22.10 11.01
CA PHE E 165 -16.66 22.02 9.56
C PHE E 165 -15.85 23.13 8.89
N SER E 166 -15.05 22.80 7.87
CA SER E 166 -14.16 23.76 7.16
C SER E 166 -15.04 24.91 6.60
N GLN E 167 -14.70 26.16 6.88
CA GLN E 167 -15.37 27.33 6.27
C GLN E 167 -15.01 27.40 4.77
N TYR E 168 -14.07 26.60 4.28
CA TYR E 168 -13.54 26.70 2.90
C TYR E 168 -14.13 25.65 1.97
N SER E 169 -14.93 24.71 2.50
CA SER E 169 -15.76 23.79 1.68
C SER E 169 -16.66 24.64 0.76
N ARG E 170 -16.99 24.16 -0.45
CA ARG E 170 -18.04 24.74 -1.33
C ARG E 170 -19.43 24.48 -0.69
N PHE E 171 -19.51 23.60 0.32
CA PHE E 171 -20.82 23.22 0.91
C PHE E 171 -20.90 23.74 2.34
N GLU E 172 -22.09 23.71 2.93
CA GLU E 172 -22.33 24.05 4.35
C GLU E 172 -23.35 23.06 4.92
N ILE E 173 -23.32 22.88 6.23
CA ILE E 173 -24.16 21.87 6.90
C ILE E 173 -25.36 22.62 7.45
N LEU E 174 -26.57 22.11 7.18
CA LEU E 174 -27.84 22.65 7.71
C LEU E 174 -28.14 21.89 9.01
N ASP E 175 -27.93 20.57 9.00
CA ASP E 175 -28.34 19.69 10.13
C ASP E 175 -27.64 18.34 10.02
N VAL E 176 -27.28 17.77 11.14
CA VAL E 176 -26.82 16.34 11.25
C VAL E 176 -27.69 15.70 12.34
N THR E 177 -28.46 14.67 11.99
CA THR E 177 -29.18 13.80 12.96
C THR E 177 -28.53 12.41 12.99
N GLN E 178 -28.46 11.81 14.16
CA GLN E 178 -27.81 10.48 14.40
C GLN E 178 -28.84 9.64 15.12
N LYS E 179 -29.39 8.63 14.44
CA LYS E 179 -30.54 7.79 14.87
C LYS E 179 -30.04 6.34 14.99
N LYS E 180 -30.32 5.67 16.10
CA LYS E 180 -30.09 4.22 16.22
C LYS E 180 -31.01 3.46 15.25
N ASN E 181 -30.58 2.32 14.73
CA ASN E 181 -31.35 1.51 13.76
C ASN E 181 -30.72 0.11 13.78
N SER E 182 -31.20 -0.81 12.95
CA SER E 182 -30.63 -2.17 12.84
C SER E 182 -30.90 -2.75 11.45
N VAL E 183 -30.07 -3.69 11.03
CA VAL E 183 -30.18 -4.48 9.77
C VAL E 183 -30.37 -5.93 10.19
N THR E 184 -31.10 -6.68 9.35
CA THR E 184 -31.38 -8.12 9.52
C THR E 184 -31.33 -8.75 8.12
N TYR E 185 -30.76 -9.95 8.00
CA TYR E 185 -30.61 -10.67 6.71
C TYR E 185 -31.62 -11.83 6.70
N SER E 186 -32.33 -12.02 5.59
CA SER E 186 -33.44 -13.00 5.39
C SER E 186 -33.12 -14.33 6.07
N CYS E 187 -31.91 -14.86 5.82
CA CYS E 187 -31.42 -16.18 6.32
C CYS E 187 -31.74 -16.37 7.81
N CYS E 188 -31.45 -15.37 8.64
CA CYS E 188 -31.12 -15.55 10.09
C CYS E 188 -31.90 -14.56 10.94
N PRO E 189 -32.20 -14.90 12.22
CA PRO E 189 -32.91 -13.98 13.11
C PRO E 189 -32.03 -12.83 13.64
N GLU E 190 -30.71 -12.91 13.48
CA GLU E 190 -29.69 -11.98 14.06
C GLU E 190 -29.97 -10.55 13.58
N ALA E 191 -29.97 -9.59 14.51
CA ALA E 191 -29.99 -8.13 14.20
C ALA E 191 -28.59 -7.51 14.42
N TYR E 192 -28.12 -6.76 13.44
CA TYR E 192 -26.87 -5.96 13.51
C TYR E 192 -27.27 -4.52 13.72
N GLU E 193 -26.79 -3.91 14.82
CA GLU E 193 -27.16 -2.50 15.16
C GLU E 193 -26.32 -1.55 14.31
N ASP E 194 -26.90 -0.43 13.90
CA ASP E 194 -26.15 0.64 13.21
C ASP E 194 -26.57 1.98 13.78
N VAL E 195 -25.74 2.98 13.54
CA VAL E 195 -26.13 4.42 13.55
C VAL E 195 -26.36 4.87 12.11
N GLU E 196 -27.54 5.41 11.85
CA GLU E 196 -27.87 6.16 10.62
C GLU E 196 -27.54 7.63 10.87
N VAL E 197 -26.58 8.17 10.15
CA VAL E 197 -26.22 9.61 10.22
C VAL E 197 -26.81 10.30 9.00
N SER E 198 -27.65 11.30 9.24
CA SER E 198 -28.36 12.09 8.21
C SER E 198 -27.68 13.44 8.10
N LEU E 199 -26.93 13.63 7.03
CA LEU E 199 -26.20 14.88 6.74
C LEU E 199 -27.09 15.69 5.79
N ASN E 200 -27.73 16.73 6.30
CA ASN E 200 -28.53 17.70 5.49
C ASN E 200 -27.58 18.85 5.13
N PHE E 201 -27.22 18.99 3.86
CA PHE E 201 -26.21 19.99 3.45
C PHE E 201 -26.60 20.63 2.11
N ARG E 202 -25.94 21.70 1.72
CA ARG E 202 -26.18 22.25 0.37
C ARG E 202 -24.96 23.00 -0.14
N LYS E 203 -24.92 23.25 -1.46
CA LYS E 203 -23.93 24.17 -2.05
C LYS E 203 -24.15 25.56 -1.46
N LYS E 204 -23.10 26.34 -1.23
CA LYS E 204 -23.23 27.67 -0.56
C LYS E 204 -23.88 28.70 -1.51
#